data_9JFL
#
_entry.id   9JFL
#
_cell.length_a   103.379
_cell.length_b   135.078
_cell.length_c   225.078
_cell.angle_alpha   90.00
_cell.angle_beta   90.00
_cell.angle_gamma   90.00
#
_symmetry.space_group_name_H-M   'C 2 2 21'
#
loop_
_entity.id
_entity.type
_entity.pdbx_description
1 polymer 'DUF262 domain-containing protein'
2 non-polymer 'TRIETHYLENE GLYCOL'
3 non-polymer 1,2-ETHANEDIOL
4 water water
#
_entity_poly.entity_id   1
_entity_poly.type   'polypeptide(L)'
_entity_poly.pdbx_seq_one_letter_code
;MNVKPEYMSFGELFKNSNIFYTPTYQRDYSWEDEQIEQFCNDIQDALVKKKSKKSCEHFFGGVVCAQEKTFGGHRRIENL
LVDGQQRLSTIVLFFSVIRNVINSLNCEEDKDSEYRGMILKDIYKYFYLDERENREIKKHVRITIGNADNEFYQSLIDDN
PLKGTRNSHELMLRARKKFNSFIKDDLFKNRKISECLEIIDDIVKLFEESFLVIHIVTNSIDDAYKLFTVLNDRGINLTE
GELLKAHTIGICSDNLSHQRTISDNWDAILKHPSKKVTDYLRWILIMLTGNNITASSVLEEYKKTVFNELISKSEIAQTV
AYIRDCVERLEYISSGEWPFENNNDNKWHKSKLDLLINKLKHLHAMPLLLAASFSSENNFKHIVNETSKFFIRCKMISDL
HASIFSKLYAVLALRIHKERDRFDISKLHGAFNEILLDKDPEDVRFSTNVRSLIYQKKGDNKPIKCLLMTIQENWEWLKQ
PCQGNSLNRLKREDQTIIFDFNSMTLEHIYPYSALHEDKDMDMEKLKNNIGNIVLLDPTRNNKNDNKPFIDKKNSFENTG
IGIHSWIYEQKEWTEESVKKLTETYVDAAVKVFSFS
;
_entity_poly.pdbx_strand_id   B,A
#
# COMPACT_ATOMS: atom_id res chain seq x y z
N LYS A 4 23.75 -26.92 -9.05
CA LYS A 4 24.15 -26.59 -7.64
C LYS A 4 23.03 -26.88 -6.61
N PRO A 5 21.89 -26.17 -6.70
CA PRO A 5 21.00 -25.99 -5.54
C PRO A 5 20.27 -27.24 -5.10
N GLU A 6 20.01 -27.32 -3.79
CA GLU A 6 19.30 -28.45 -3.18
C GLU A 6 17.86 -28.02 -2.94
N TYR A 7 16.92 -28.79 -3.49
CA TYR A 7 15.50 -28.48 -3.43
C TYR A 7 14.80 -29.71 -2.87
N MET A 8 13.60 -29.55 -2.30
CA MET A 8 12.80 -30.73 -1.99
C MET A 8 11.30 -30.62 -2.23
N SER A 9 10.75 -31.75 -2.65
CA SER A 9 9.35 -31.90 -2.93
C SER A 9 8.51 -31.90 -1.65
N PHE A 10 7.20 -31.73 -1.82
CA PHE A 10 6.29 -31.75 -0.69
C PHE A 10 6.24 -33.14 -0.05
N GLY A 11 6.26 -34.18 -0.87
CA GLY A 11 6.28 -35.55 -0.35
C GLY A 11 7.50 -35.74 0.54
N GLU A 12 8.67 -35.37 0.02
CA GLU A 12 9.90 -35.49 0.80
C GLU A 12 9.75 -34.86 2.20
N LEU A 13 9.11 -33.69 2.27
CA LEU A 13 8.78 -33.04 3.56
C LEU A 13 8.01 -33.94 4.49
N PHE A 14 7.11 -34.75 3.94
CA PHE A 14 6.34 -35.67 4.76
C PHE A 14 6.96 -37.05 4.82
N LYS A 15 7.84 -37.34 3.85
CA LYS A 15 8.56 -38.63 3.78
C LYS A 15 9.50 -38.76 4.95
N ASN A 16 10.25 -37.70 5.20
CA ASN A 16 11.11 -37.60 6.37
C ASN A 16 10.25 -37.50 7.63
N SER A 17 10.85 -37.74 8.79
CA SER A 17 10.09 -37.90 10.03
C SER A 17 9.61 -36.59 10.64
N ASN A 18 9.35 -35.59 9.80
CA ASN A 18 9.05 -34.24 10.26
C ASN A 18 7.67 -34.12 10.87
N ILE A 19 7.59 -33.38 11.97
CA ILE A 19 6.33 -32.91 12.53
C ILE A 19 6.30 -31.39 12.48
N PHE A 20 5.16 -30.83 12.06
CA PHE A 20 5.05 -29.40 11.88
C PHE A 20 4.03 -28.83 12.85
N TYR A 21 4.31 -27.62 13.34
CA TYR A 21 3.41 -26.89 14.20
C TYR A 21 3.67 -25.39 14.10
N THR A 22 2.60 -24.65 14.33
CA THR A 22 2.57 -23.22 14.10
C THR A 22 3.04 -22.52 15.35
N PRO A 23 3.34 -21.23 15.23
CA PRO A 23 3.68 -20.50 16.43
C PRO A 23 2.47 -20.26 17.30
N THR A 24 2.75 -19.92 18.55
CA THR A 24 1.74 -19.35 19.41
C THR A 24 1.40 -17.99 18.82
N TYR A 25 0.12 -17.69 18.80
CA TYR A 25 -0.44 -16.47 18.17
C TYR A 25 -0.49 -16.50 16.65
N GLN A 26 -0.28 -17.69 16.08
CA GLN A 26 -0.52 -17.96 14.66
C GLN A 26 -1.84 -17.35 14.23
N ARG A 27 -1.84 -16.58 13.15
CA ARG A 27 -3.08 -15.95 12.65
C ARG A 27 -4.07 -16.96 12.07
N ASP A 28 -5.34 -16.62 12.03
CA ASP A 28 -6.33 -17.52 11.47
C ASP A 28 -6.03 -17.85 10.00
N TYR A 29 -6.46 -19.03 9.58
CA TYR A 29 -6.42 -19.46 8.18
C TYR A 29 -6.96 -18.33 7.30
N SER A 30 -6.33 -18.08 6.15
CA SER A 30 -6.74 -16.96 5.29
C SER A 30 -6.82 -17.27 3.79
N TRP A 31 -6.73 -18.54 3.41
CA TRP A 31 -6.82 -18.90 1.98
C TRP A 31 -8.27 -18.84 1.49
N GLU A 32 -8.50 -18.00 0.50
CA GLU A 32 -9.83 -17.84 -0.08
C GLU A 32 -9.88 -18.56 -1.43
N ASP A 33 -11.05 -18.55 -2.07
CA ASP A 33 -11.25 -19.25 -3.34
C ASP A 33 -10.19 -18.93 -4.41
N GLU A 34 -9.66 -17.71 -4.40
CA GLU A 34 -8.61 -17.32 -5.32
C GLU A 34 -7.35 -18.20 -5.15
N GLN A 35 -7.07 -18.57 -3.89
CA GLN A 35 -5.90 -19.41 -3.54
C GLN A 35 -6.21 -20.89 -3.82
N ILE A 36 -7.43 -21.29 -3.48
CA ILE A 36 -7.83 -22.68 -3.58
C ILE A 36 -8.05 -23.08 -5.04
N GLU A 37 -8.55 -22.17 -5.86
CA GLU A 37 -8.67 -22.42 -7.29
C GLU A 37 -7.28 -22.55 -7.85
N GLN A 38 -6.44 -21.55 -7.59
CA GLN A 38 -5.06 -21.55 -8.08
C GLN A 38 -4.31 -22.82 -7.67
N PHE A 39 -4.58 -23.31 -6.47
CA PHE A 39 -4.03 -24.59 -6.00
C PHE A 39 -4.46 -25.80 -6.83
N CYS A 40 -5.70 -25.77 -7.31
CA CYS A 40 -6.22 -26.83 -8.17
C CYS A 40 -5.72 -26.67 -9.62
N ASN A 41 -5.70 -25.44 -10.09
CA ASN A 41 -5.36 -25.20 -11.49
C ASN A 41 -3.88 -25.48 -11.69
N ASP A 42 -3.10 -25.21 -10.65
CA ASP A 42 -1.68 -25.56 -10.67
C ASP A 42 -1.55 -27.05 -10.87
N ILE A 43 -2.34 -27.82 -10.12
CA ILE A 43 -2.40 -29.24 -10.32
C ILE A 43 -2.66 -29.53 -11.80
N GLN A 44 -3.75 -29.00 -12.36
CA GLN A 44 -4.19 -29.45 -13.70
C GLN A 44 -3.26 -29.04 -14.85
N ASP A 45 -2.82 -27.79 -14.90
CA ASP A 45 -1.71 -27.45 -15.79
C ASP A 45 -0.70 -28.60 -15.81
N ALA A 46 -0.25 -29.00 -14.63
CA ALA A 46 0.80 -30.02 -14.53
C ALA A 46 0.30 -31.42 -14.88
N LEU A 47 -0.98 -31.71 -14.68
CA LEU A 47 -1.56 -32.95 -15.20
C LEU A 47 -1.58 -32.93 -16.72
N VAL A 48 -2.11 -31.84 -17.26
CA VAL A 48 -2.07 -31.60 -18.69
C VAL A 48 -0.62 -31.78 -19.19
N LYS A 49 0.30 -30.93 -18.73
CA LYS A 49 1.68 -30.96 -19.25
C LYS A 49 2.26 -32.38 -19.19
N LYS A 50 1.76 -33.19 -18.26
CA LYS A 50 2.26 -34.54 -18.08
C LYS A 50 2.28 -35.30 -19.39
N LYS A 51 1.21 -35.19 -20.17
CA LYS A 51 1.10 -35.94 -21.41
C LYS A 51 2.28 -35.72 -22.32
N SER A 52 2.77 -34.50 -22.38
CA SER A 52 3.89 -34.20 -23.24
C SER A 52 5.15 -33.89 -22.42
N LYS A 53 5.30 -32.64 -21.98
CA LYS A 53 6.55 -32.15 -21.38
C LYS A 53 6.53 -32.23 -19.86
N LYS A 54 7.46 -31.52 -19.21
CA LYS A 54 7.65 -31.57 -17.76
C LYS A 54 6.54 -30.90 -16.95
N SER A 55 6.42 -31.33 -15.70
CA SER A 55 5.45 -30.76 -14.76
C SER A 55 6.08 -30.06 -13.51
N CYS A 56 7.42 -30.00 -13.46
CA CYS A 56 8.14 -29.27 -12.40
C CYS A 56 7.54 -27.89 -12.12
N GLU A 57 7.11 -27.67 -10.88
CA GLU A 57 6.64 -26.35 -10.45
C GLU A 57 7.34 -26.01 -9.16
N HIS A 58 7.90 -24.81 -9.06
CA HIS A 58 8.56 -24.38 -7.83
C HIS A 58 7.54 -23.72 -6.95
N PHE A 59 6.59 -24.51 -6.51
CA PHE A 59 5.55 -24.01 -5.65
C PHE A 59 6.19 -23.28 -4.50
N PHE A 60 5.68 -22.10 -4.22
CA PHE A 60 5.86 -21.50 -2.93
C PHE A 60 7.27 -21.80 -2.43
N GLY A 61 8.25 -21.58 -3.28
CA GLY A 61 9.60 -21.84 -2.87
C GLY A 61 9.77 -21.24 -1.50
N GLY A 62 10.06 -22.08 -0.52
CA GLY A 62 10.38 -21.57 0.78
C GLY A 62 9.37 -21.96 1.82
N VAL A 63 9.68 -23.04 2.53
CA VAL A 63 8.95 -23.45 3.70
C VAL A 63 9.88 -23.14 4.85
N VAL A 64 9.63 -22.02 5.52
CA VAL A 64 10.59 -21.49 6.50
C VAL A 64 10.37 -22.07 7.90
N CYS A 65 11.36 -22.82 8.39
CA CYS A 65 11.32 -23.42 9.73
C CYS A 65 12.30 -22.77 10.70
N ALA A 66 11.89 -22.66 11.97
CA ALA A 66 12.63 -21.89 12.98
C ALA A 66 13.39 -22.70 14.03
N GLN A 67 13.09 -23.97 14.18
CA GLN A 67 13.87 -24.84 15.07
C GLN A 67 13.61 -26.27 14.66
N GLU A 68 14.48 -27.18 15.08
CA GLU A 68 14.41 -28.58 14.64
C GLU A 68 15.04 -29.56 15.62
N LYS A 69 14.48 -29.64 16.81
CA LYS A 69 15.06 -30.46 17.89
C LYS A 69 14.81 -31.97 17.64
N THR A 70 15.90 -32.72 17.43
CA THR A 70 15.86 -34.18 17.16
C THR A 70 15.63 -35.01 18.43
N PHE A 71 16.03 -34.45 19.57
CA PHE A 71 15.75 -35.00 20.91
C PHE A 71 14.76 -34.14 21.72
N GLY A 72 14.34 -33.00 21.16
CA GLY A 72 13.34 -32.13 21.80
C GLY A 72 12.16 -31.84 20.90
N GLY A 73 11.88 -32.73 19.95
CA GLY A 73 10.78 -32.57 19.01
C GLY A 73 9.41 -32.73 19.63
N HIS A 74 8.36 -32.71 18.81
CA HIS A 74 7.03 -33.10 19.27
C HIS A 74 6.91 -34.62 19.13
N ARG A 75 7.59 -35.20 18.14
CA ARG A 75 7.67 -36.66 17.95
C ARG A 75 9.02 -37.17 17.47
N ARG A 76 9.49 -36.76 16.29
CA ARG A 76 10.87 -37.07 15.87
C ARG A 76 11.68 -35.89 15.35
N ILE A 77 11.06 -34.98 14.60
CA ILE A 77 11.71 -33.70 14.24
C ILE A 77 10.67 -32.60 14.23
N GLU A 78 10.58 -31.84 15.34
CA GLU A 78 9.69 -30.68 15.46
C GLU A 78 10.11 -29.61 14.47
N ASN A 79 9.14 -28.94 13.87
CA ASN A 79 9.42 -27.84 12.96
C ASN A 79 8.47 -26.69 13.31
N LEU A 80 9.04 -25.57 13.69
CA LEU A 80 8.23 -24.43 14.02
C LEU A 80 7.97 -23.66 12.75
N LEU A 81 6.93 -24.04 12.04
CA LEU A 81 6.67 -23.42 10.74
C LEU A 81 6.34 -21.92 10.85
N VAL A 82 7.20 -21.09 10.28
CA VAL A 82 7.01 -19.64 10.31
C VAL A 82 6.32 -19.14 9.04
N ASP A 83 6.67 -19.71 7.90
CA ASP A 83 5.96 -19.40 6.65
C ASP A 83 5.77 -20.70 5.91
N GLY A 84 4.62 -20.86 5.27
CA GLY A 84 4.28 -22.09 4.57
C GLY A 84 3.20 -22.94 5.19
N GLN A 85 2.78 -22.57 6.39
CA GLN A 85 1.77 -23.30 7.16
C GLN A 85 0.49 -23.52 6.38
N GLN A 86 -0.01 -22.47 5.73
CA GLN A 86 -1.23 -22.53 4.92
C GLN A 86 -1.15 -23.61 3.83
N ARG A 87 -0.06 -23.56 3.07
CA ARG A 87 0.15 -24.49 1.97
C ARG A 87 0.21 -25.92 2.48
N LEU A 88 1.03 -26.16 3.49
CA LEU A 88 1.19 -27.52 3.99
C LEU A 88 -0.10 -27.97 4.62
N SER A 89 -0.72 -27.02 5.32
CA SER A 89 -1.98 -27.26 5.97
C SER A 89 -3.02 -27.72 4.95
N THR A 90 -3.20 -26.92 3.90
CA THR A 90 -4.20 -27.22 2.90
C THR A 90 -3.83 -28.51 2.13
N ILE A 91 -2.55 -28.69 1.82
CA ILE A 91 -2.08 -29.92 1.16
C ILE A 91 -2.56 -31.15 1.93
N VAL A 92 -2.44 -31.09 3.25
CA VAL A 92 -2.96 -32.18 4.06
C VAL A 92 -4.46 -32.28 3.86
N LEU A 93 -5.17 -31.16 4.03
CA LEU A 93 -6.61 -31.08 3.78
C LEU A 93 -6.96 -31.70 2.43
N PHE A 94 -6.29 -31.25 1.38
CA PHE A 94 -6.50 -31.78 0.04
C PHE A 94 -6.36 -33.31 0.03
N PHE A 95 -5.32 -33.84 0.67
CA PHE A 95 -5.15 -35.29 0.68
C PHE A 95 -6.22 -35.97 1.52
N SER A 96 -6.75 -35.32 2.56
CA SER A 96 -7.89 -35.93 3.27
C SER A 96 -9.08 -36.09 2.31
N VAL A 97 -9.20 -35.15 1.38
CA VAL A 97 -10.24 -35.24 0.36
C VAL A 97 -9.96 -36.41 -0.61
N ILE A 98 -8.73 -36.51 -1.11
CA ILE A 98 -8.38 -37.64 -1.98
C ILE A 98 -8.70 -38.97 -1.31
N ARG A 99 -8.36 -39.11 -0.03
CA ARG A 99 -8.63 -40.35 0.68
C ARG A 99 -10.13 -40.64 0.81
N ASN A 100 -10.93 -39.61 1.04
CA ASN A 100 -12.36 -39.79 1.30
C ASN A 100 -13.10 -40.08 0.02
N VAL A 101 -12.73 -39.40 -1.05
CA VAL A 101 -13.32 -39.67 -2.38
C VAL A 101 -13.03 -41.10 -2.83
N ILE A 102 -11.75 -41.44 -2.82
CA ILE A 102 -11.29 -42.77 -3.18
C ILE A 102 -12.03 -43.81 -2.37
N ASN A 103 -11.96 -43.71 -1.05
CA ASN A 103 -12.58 -44.72 -0.17
C ASN A 103 -14.06 -45.03 -0.44
N SER A 104 -14.79 -44.08 -1.01
CA SER A 104 -16.18 -44.30 -1.38
C SER A 104 -16.39 -44.83 -2.82
N LEU A 105 -15.34 -44.83 -3.66
CA LEU A 105 -15.47 -45.45 -4.99
C LEU A 105 -16.04 -46.87 -4.88
N ASN A 106 -16.81 -47.25 -5.89
CA ASN A 106 -17.38 -48.59 -5.96
C ASN A 106 -16.31 -49.61 -5.63
N CYS A 107 -15.36 -49.76 -6.55
CA CYS A 107 -14.25 -50.70 -6.38
C CYS A 107 -14.71 -52.12 -6.00
N GLU A 108 -15.28 -52.82 -6.99
CA GLU A 108 -15.67 -54.21 -6.83
C GLU A 108 -14.44 -55.12 -7.07
N GLU A 109 -13.77 -54.93 -8.22
CA GLU A 109 -12.72 -55.85 -8.71
C GLU A 109 -11.31 -55.25 -8.63
N ASP A 110 -10.38 -55.98 -7.99
CA ASP A 110 -8.90 -55.71 -8.03
C ASP A 110 -8.44 -54.25 -7.84
N LYS A 111 -9.22 -53.45 -7.13
CA LYS A 111 -8.82 -52.09 -6.79
C LYS A 111 -8.80 -51.93 -5.28
N ASP A 112 -9.97 -52.01 -4.63
CA ASP A 112 -10.02 -52.01 -3.18
C ASP A 112 -9.19 -53.20 -2.70
N SER A 113 -9.21 -54.28 -3.49
CA SER A 113 -8.31 -55.40 -3.29
C SER A 113 -6.84 -54.99 -3.44
N GLU A 114 -6.54 -54.19 -4.46
CA GLU A 114 -5.15 -53.82 -4.78
C GLU A 114 -4.91 -52.31 -4.84
N TYR A 115 -5.14 -51.68 -5.99
CA TYR A 115 -4.64 -50.32 -6.30
C TYR A 115 -5.06 -49.24 -5.30
N ARG A 116 -6.27 -49.35 -4.74
CA ARG A 116 -6.76 -48.37 -3.80
C ARG A 116 -5.93 -48.44 -2.54
N GLY A 117 -5.61 -49.66 -2.11
CA GLY A 117 -4.84 -49.89 -0.89
C GLY A 117 -3.38 -49.46 -1.04
N MET A 118 -2.87 -49.50 -2.26
CA MET A 118 -1.49 -49.15 -2.52
C MET A 118 -1.38 -47.63 -2.51
N ILE A 119 -2.40 -46.96 -3.06
CA ILE A 119 -2.51 -45.50 -3.01
C ILE A 119 -2.69 -45.00 -1.59
N LEU A 120 -3.45 -45.76 -0.79
CA LEU A 120 -3.76 -45.34 0.57
C LEU A 120 -2.55 -45.38 1.51
N LYS A 121 -1.63 -46.31 1.28
CA LYS A 121 -0.43 -46.39 2.12
C LYS A 121 0.54 -45.26 1.77
N ASP A 122 0.61 -44.94 0.48
CA ASP A 122 1.47 -43.85 0.03
C ASP A 122 1.04 -42.45 0.50
N ILE A 123 -0.25 -42.24 0.85
CA ILE A 123 -0.66 -40.93 1.40
C ILE A 123 -0.76 -40.93 2.92
N TYR A 124 -0.64 -42.12 3.52
CA TYR A 124 -0.72 -42.23 4.98
C TYR A 124 0.20 -41.20 5.61
N LYS A 125 1.32 -40.94 4.94
CA LYS A 125 2.31 -40.03 5.47
C LYS A 125 1.84 -38.61 5.62
N TYR A 126 0.75 -38.21 4.96
CA TYR A 126 0.28 -36.81 5.09
C TYR A 126 -0.58 -36.62 6.32
N PHE A 127 -1.01 -37.73 6.92
CA PHE A 127 -1.94 -37.71 8.05
C PHE A 127 -1.30 -38.07 9.38
N TYR A 128 -0.45 -39.09 9.36
CA TYR A 128 0.13 -39.61 10.58
C TYR A 128 1.59 -39.99 10.41
N LEU A 129 2.32 -39.97 11.53
CA LEU A 129 3.65 -40.56 11.59
C LEU A 129 3.73 -41.55 12.76
N ASP A 130 3.81 -42.85 12.45
CA ASP A 130 3.86 -43.90 13.46
C ASP A 130 5.23 -43.99 14.11
N GLU A 131 5.24 -44.31 15.40
CA GLU A 131 6.47 -44.49 16.15
C GLU A 131 6.24 -45.54 17.20
N ARG A 132 7.23 -46.42 17.39
CA ARG A 132 7.12 -47.51 18.35
C ARG A 132 8.00 -47.27 19.55
N GLU A 133 7.39 -47.36 20.73
CA GLU A 133 8.14 -47.56 21.95
C GLU A 133 7.70 -48.91 22.45
N ASN A 134 8.61 -49.89 22.42
CA ASN A 134 8.29 -51.23 22.89
C ASN A 134 7.15 -51.83 22.02
N ARG A 135 6.07 -52.24 22.66
CA ARG A 135 4.92 -52.83 21.95
C ARG A 135 3.81 -51.85 21.50
N GLU A 136 3.92 -50.56 21.83
CA GLU A 136 2.89 -49.57 21.47
C GLU A 136 3.30 -48.64 20.35
N ILE A 137 2.44 -48.52 19.33
CA ILE A 137 2.72 -47.71 18.14
C ILE A 137 2.11 -46.30 18.19
N LYS A 138 2.31 -45.58 19.29
CA LYS A 138 1.99 -44.13 19.33
C LYS A 138 2.21 -43.41 17.96
N LYS A 139 1.20 -42.66 17.51
CA LYS A 139 1.20 -42.00 16.20
C LYS A 139 0.66 -40.57 16.24
N HIS A 140 1.49 -39.59 15.89
CA HIS A 140 1.10 -38.17 15.92
C HIS A 140 0.71 -37.64 14.53
N VAL A 141 0.02 -36.51 14.52
CA VAL A 141 -0.35 -35.85 13.27
C VAL A 141 0.83 -35.00 12.78
N ARG A 142 0.95 -34.85 11.47
CA ARG A 142 2.12 -34.23 10.88
C ARG A 142 2.04 -32.72 10.73
N ILE A 143 0.86 -32.15 10.89
CA ILE A 143 0.79 -30.71 10.96
C ILE A 143 -0.35 -30.27 11.87
N THR A 144 -0.01 -29.30 12.70
CA THR A 144 -0.85 -28.72 13.71
C THR A 144 -0.84 -27.23 13.41
N ILE A 145 -2.02 -26.62 13.33
CA ILE A 145 -2.11 -25.20 12.96
C ILE A 145 -2.43 -24.32 14.17
N GLY A 146 -2.89 -23.10 13.93
CA GLY A 146 -3.12 -22.16 15.00
C GLY A 146 -4.09 -22.66 16.05
N ASN A 147 -3.94 -22.14 17.27
CA ASN A 147 -4.70 -22.62 18.42
C ASN A 147 -6.23 -22.44 18.28
N ALA A 148 -6.65 -21.31 17.73
CA ALA A 148 -8.08 -21.06 17.52
C ALA A 148 -8.68 -21.98 16.43
N ASP A 149 -7.83 -22.49 15.54
CA ASP A 149 -8.27 -23.28 14.38
C ASP A 149 -8.02 -24.78 14.52
N ASN A 150 -6.97 -25.17 15.26
CA ASN A 150 -6.47 -26.53 15.11
C ASN A 150 -7.56 -27.56 15.35
N GLU A 151 -8.18 -27.50 16.53
CA GLU A 151 -9.27 -28.40 16.90
C GLU A 151 -10.21 -28.72 15.72
N PHE A 152 -10.63 -27.66 15.02
CA PHE A 152 -11.63 -27.78 13.94
C PHE A 152 -11.03 -28.35 12.65
N TYR A 153 -9.81 -27.93 12.33
CA TYR A 153 -9.06 -28.44 11.19
C TYR A 153 -8.91 -29.96 11.31
N GLN A 154 -8.36 -30.39 12.44
CA GLN A 154 -8.22 -31.80 12.71
C GLN A 154 -9.54 -32.55 12.43
N SER A 155 -10.63 -32.00 12.94
CA SER A 155 -11.97 -32.54 12.69
C SER A 155 -12.18 -32.75 11.20
N LEU A 156 -11.86 -31.72 10.43
CA LEU A 156 -11.93 -31.79 8.97
C LEU A 156 -11.05 -32.95 8.43
N ILE A 157 -9.85 -33.11 8.96
CA ILE A 157 -8.98 -34.16 8.46
C ILE A 157 -9.55 -35.54 8.82
N ASP A 158 -10.22 -35.66 9.96
CA ASP A 158 -10.83 -36.94 10.36
C ASP A 158 -12.09 -37.22 9.58
N ASP A 159 -12.43 -36.35 8.62
CA ASP A 159 -13.69 -36.42 7.86
C ASP A 159 -14.91 -36.52 8.76
N ASN A 160 -14.79 -35.99 9.98
CA ASN A 160 -15.92 -35.91 10.88
C ASN A 160 -15.96 -34.51 11.47
N PRO A 161 -16.29 -33.51 10.62
CA PRO A 161 -16.04 -32.18 11.11
C PRO A 161 -16.93 -31.74 12.25
N LEU A 162 -16.43 -30.78 13.03
CA LEU A 162 -17.20 -30.12 14.07
C LEU A 162 -18.06 -29.02 13.45
N LYS A 163 -18.84 -28.36 14.29
CA LYS A 163 -19.76 -27.33 13.81
C LYS A 163 -19.01 -26.18 13.11
N GLY A 164 -18.15 -25.50 13.85
CA GLY A 164 -17.39 -24.40 13.28
C GLY A 164 -17.85 -23.07 13.82
N THR A 165 -16.94 -22.32 14.45
CA THR A 165 -17.31 -21.14 15.27
C THR A 165 -16.88 -19.79 14.70
N ARG A 166 -16.15 -19.78 13.59
CA ARG A 166 -15.60 -18.53 13.11
C ARG A 166 -15.35 -18.57 11.62
N ASN A 167 -14.77 -17.49 11.11
CA ASN A 167 -14.62 -17.36 9.69
C ASN A 167 -13.68 -18.43 9.17
N SER A 168 -12.52 -18.52 9.80
CA SER A 168 -11.47 -19.43 9.36
C SER A 168 -12.02 -20.84 9.22
N HIS A 169 -12.82 -21.25 10.19
CA HIS A 169 -13.40 -22.59 10.15
C HIS A 169 -14.13 -22.73 8.82
N GLU A 170 -14.93 -21.73 8.50
CA GLU A 170 -15.70 -21.73 7.27
C GLU A 170 -14.82 -21.74 6.04
N LEU A 171 -13.78 -20.90 6.03
CA LEU A 171 -12.84 -20.84 4.91
C LEU A 171 -12.20 -22.19 4.57
N MET A 172 -11.97 -22.97 5.61
CA MET A 172 -11.50 -24.35 5.48
C MET A 172 -12.59 -25.22 4.88
N LEU A 173 -13.78 -25.21 5.49
CA LEU A 173 -14.93 -25.97 4.99
C LEU A 173 -15.19 -25.76 3.51
N ARG A 174 -15.10 -24.51 3.03
CA ARG A 174 -15.30 -24.22 1.61
C ARG A 174 -14.19 -24.82 0.74
N ALA A 175 -12.93 -24.66 1.17
CA ALA A 175 -11.78 -25.23 0.45
C ALA A 175 -11.93 -26.73 0.23
N ARG A 176 -12.43 -27.42 1.24
CA ARG A 176 -12.74 -28.84 1.11
C ARG A 176 -13.91 -29.06 0.15
N LYS A 177 -14.96 -28.25 0.30
CA LYS A 177 -16.13 -28.34 -0.60
C LYS A 177 -15.60 -28.19 -2.01
N LYS A 178 -14.84 -27.12 -2.23
CA LYS A 178 -14.21 -26.90 -3.53
C LYS A 178 -13.37 -28.11 -3.95
N PHE A 179 -12.53 -28.65 -3.05
CA PHE A 179 -11.69 -29.80 -3.43
C PHE A 179 -12.50 -30.99 -3.98
N ASN A 180 -13.56 -31.39 -3.26
CA ASN A 180 -14.48 -32.44 -3.76
C ASN A 180 -14.98 -32.20 -5.18
N SER A 181 -15.42 -30.98 -5.45
CA SER A 181 -15.87 -30.63 -6.79
C SER A 181 -14.72 -30.77 -7.77
N PHE A 182 -13.51 -30.47 -7.32
CA PHE A 182 -12.36 -30.49 -8.22
C PHE A 182 -12.02 -31.89 -8.64
N ILE A 183 -12.23 -32.85 -7.74
CA ILE A 183 -11.83 -34.22 -8.06
C ILE A 183 -12.99 -34.87 -8.80
N LYS A 184 -14.14 -34.96 -8.13
CA LYS A 184 -15.33 -35.64 -8.64
C LYS A 184 -15.81 -35.05 -9.98
N ASP A 185 -16.05 -33.74 -10.01
CA ASP A 185 -16.59 -33.08 -11.19
C ASP A 185 -15.51 -32.75 -12.21
N ASP A 186 -14.45 -32.10 -11.75
CA ASP A 186 -13.47 -31.50 -12.66
C ASP A 186 -12.35 -32.42 -13.14
N LEU A 187 -12.15 -33.56 -12.48
CA LEU A 187 -11.07 -34.49 -12.87
C LEU A 187 -11.57 -35.91 -13.13
N PHE A 188 -12.34 -36.44 -12.18
CA PHE A 188 -13.01 -37.70 -12.38
C PHE A 188 -13.97 -37.53 -13.55
N LYS A 189 -14.81 -36.50 -13.45
CA LYS A 189 -15.74 -36.12 -14.53
C LYS A 189 -16.58 -37.33 -14.93
N ASN A 190 -16.37 -37.86 -16.15
CA ASN A 190 -16.96 -39.13 -16.57
C ASN A 190 -15.85 -40.14 -16.87
N ARG A 191 -15.57 -41.00 -15.90
CA ARG A 191 -14.50 -41.99 -16.03
C ARG A 191 -14.78 -43.18 -15.14
N LYS A 192 -14.15 -44.30 -15.46
CA LYS A 192 -14.32 -45.52 -14.69
C LYS A 192 -13.33 -45.51 -13.56
N ILE A 193 -13.64 -46.21 -12.47
CA ILE A 193 -12.77 -46.26 -11.29
C ILE A 193 -11.27 -46.44 -11.65
N SER A 194 -10.93 -47.32 -12.60
CA SER A 194 -9.54 -47.53 -13.02
C SER A 194 -8.90 -46.29 -13.66
N GLU A 195 -9.68 -45.57 -14.45
CA GLU A 195 -9.24 -44.28 -15.01
C GLU A 195 -9.08 -43.26 -13.88
N CYS A 196 -9.95 -43.36 -12.88
CA CYS A 196 -9.97 -42.43 -11.76
C CYS A 196 -8.78 -42.57 -10.81
N LEU A 197 -8.36 -43.80 -10.57
CA LEU A 197 -7.22 -44.04 -9.69
C LEU A 197 -5.96 -43.58 -10.40
N GLU A 198 -5.82 -43.98 -11.66
CA GLU A 198 -4.73 -43.54 -12.54
C GLU A 198 -4.43 -42.03 -12.40
N ILE A 199 -5.46 -41.21 -12.25
CA ILE A 199 -5.26 -39.75 -12.17
C ILE A 199 -4.84 -39.33 -10.76
N ILE A 200 -5.39 -39.96 -9.73
CA ILE A 200 -4.96 -39.67 -8.37
C ILE A 200 -3.53 -40.13 -8.10
N ASP A 201 -3.19 -41.31 -8.60
CA ASP A 201 -1.81 -41.85 -8.55
C ASP A 201 -0.84 -40.87 -9.18
N ASP A 202 -1.29 -40.17 -10.22
CA ASP A 202 -0.49 -39.07 -10.79
C ASP A 202 -0.43 -37.82 -9.87
N ILE A 203 -1.48 -37.53 -9.12
CA ILE A 203 -1.47 -36.44 -8.11
C ILE A 203 -0.49 -36.73 -6.98
N VAL A 204 -0.60 -37.93 -6.40
CA VAL A 204 0.35 -38.45 -5.41
C VAL A 204 1.79 -38.31 -5.96
N LYS A 205 1.98 -38.74 -7.20
CA LYS A 205 3.28 -38.69 -7.88
C LYS A 205 3.76 -37.25 -8.15
N LEU A 206 2.84 -36.32 -8.39
CA LEU A 206 3.20 -34.90 -8.57
C LEU A 206 3.79 -34.30 -7.29
N PHE A 207 3.04 -34.41 -6.19
CA PHE A 207 3.53 -34.00 -4.88
C PHE A 207 4.83 -34.71 -4.43
N GLU A 208 5.09 -35.91 -4.96
CA GLU A 208 6.33 -36.63 -4.67
C GLU A 208 7.50 -36.08 -5.48
N GLU A 209 7.31 -35.94 -6.79
CA GLU A 209 8.43 -35.63 -7.69
C GLU A 209 8.46 -34.22 -8.26
N SER A 210 7.34 -33.72 -8.77
CA SER A 210 7.34 -32.43 -9.51
C SER A 210 7.23 -31.14 -8.67
N PHE A 211 6.44 -31.18 -7.60
CA PHE A 211 6.16 -29.97 -6.81
C PHE A 211 7.20 -29.73 -5.73
N LEU A 212 8.04 -28.72 -5.89
CA LEU A 212 9.20 -28.49 -5.04
C LEU A 212 9.06 -27.25 -4.14
N VAL A 213 9.91 -27.17 -3.12
CA VAL A 213 10.08 -25.94 -2.31
C VAL A 213 11.53 -25.89 -1.85
N ILE A 214 11.98 -24.72 -1.43
CA ILE A 214 13.23 -24.63 -0.69
C ILE A 214 12.93 -24.71 0.82
N HIS A 215 13.36 -25.79 1.46
CA HIS A 215 13.22 -25.92 2.91
C HIS A 215 14.32 -25.13 3.57
N ILE A 216 13.95 -24.09 4.29
CA ILE A 216 14.94 -23.23 4.92
C ILE A 216 14.78 -23.37 6.39
N VAL A 217 15.88 -23.65 7.06
CA VAL A 217 15.88 -23.74 8.51
C VAL A 217 16.59 -22.50 9.04
N THR A 218 16.23 -22.10 10.24
CA THR A 218 16.58 -20.79 10.75
C THR A 218 16.71 -21.00 12.26
N ASN A 219 17.33 -20.06 12.96
CA ASN A 219 17.61 -20.22 14.40
C ASN A 219 16.47 -19.75 15.33
N SER A 220 15.76 -18.68 14.98
CA SER A 220 14.65 -18.20 15.82
C SER A 220 13.43 -17.79 15.01
N ILE A 221 12.35 -17.51 15.71
CA ILE A 221 11.19 -16.95 15.06
C ILE A 221 11.54 -15.59 14.46
N ASP A 222 12.28 -14.78 15.20
CA ASP A 222 12.65 -13.45 14.71
C ASP A 222 13.51 -13.54 13.43
N ASP A 223 14.43 -14.50 13.35
CA ASP A 223 15.31 -14.64 12.18
C ASP A 223 14.54 -15.06 10.94
N ALA A 224 13.65 -16.04 11.13
CA ALA A 224 12.70 -16.45 10.10
C ALA A 224 11.92 -15.22 9.63
N TYR A 225 11.32 -14.53 10.60
CA TYR A 225 10.51 -13.34 10.32
C TYR A 225 11.33 -12.29 9.57
N LYS A 226 12.61 -12.18 9.90
CA LYS A 226 13.49 -11.19 9.29
C LYS A 226 13.81 -11.51 7.82
N LEU A 227 13.54 -12.74 7.39
CA LEU A 227 13.78 -13.12 5.99
C LEU A 227 12.95 -12.33 5.00
N PHE A 228 11.80 -11.82 5.42
CA PHE A 228 10.97 -10.98 4.54
C PHE A 228 10.58 -9.60 5.09
N THR A 229 11.25 -9.12 6.14
CA THR A 229 11.02 -7.75 6.62
C THR A 229 12.28 -6.90 6.46
N GLY A 235 1.78 -10.75 5.31
CA GLY A 235 2.01 -11.24 6.65
C GLY A 235 0.82 -12.11 6.95
N ILE A 236 0.63 -13.15 6.12
CA ILE A 236 -0.46 -14.08 6.29
C ILE A 236 -0.47 -14.60 7.73
N ASN A 237 0.69 -15.04 8.23
CA ASN A 237 0.78 -15.82 9.49
C ASN A 237 1.12 -15.02 10.74
N LEU A 238 2.19 -14.21 10.67
CA LEU A 238 2.64 -13.41 11.80
C LEU A 238 2.98 -11.99 11.35
N THR A 239 2.52 -11.03 12.14
CA THR A 239 2.90 -9.63 12.01
C THR A 239 3.77 -9.27 13.18
N GLU A 240 4.26 -8.04 13.18
CA GLU A 240 4.97 -7.51 14.33
C GLU A 240 4.05 -7.51 15.55
N GLY A 241 2.79 -7.12 15.32
CA GLY A 241 1.75 -7.16 16.36
C GLY A 241 1.68 -8.45 17.14
N GLU A 242 1.73 -9.58 16.43
CA GLU A 242 1.72 -10.91 17.08
C GLU A 242 3.00 -11.15 17.85
N LEU A 243 4.14 -10.78 17.27
CA LEU A 243 5.43 -10.98 17.94
C LEU A 243 5.48 -10.14 19.20
N LEU A 244 4.93 -8.93 19.13
CA LEU A 244 4.90 -8.05 20.29
C LEU A 244 3.88 -8.51 21.32
N LYS A 245 2.72 -8.96 20.87
CA LYS A 245 1.80 -9.59 21.81
C LYS A 245 2.54 -10.64 22.64
N ALA A 246 3.39 -11.43 21.98
CA ALA A 246 4.11 -12.52 22.65
C ALA A 246 5.19 -12.02 23.59
N HIS A 247 6.05 -11.15 23.07
CA HIS A 247 7.15 -10.60 23.86
C HIS A 247 6.62 -9.93 25.10
N THR A 248 5.57 -9.13 24.89
CA THR A 248 5.02 -8.24 25.89
C THR A 248 4.38 -9.03 27.05
N ILE A 249 3.66 -10.09 26.72
CA ILE A 249 3.10 -10.97 27.74
C ILE A 249 4.23 -11.71 28.47
N GLY A 250 5.21 -12.19 27.69
CA GLY A 250 6.38 -12.89 28.25
C GLY A 250 7.18 -12.09 29.25
N ILE A 251 7.16 -10.76 29.09
CA ILE A 251 7.70 -9.84 30.08
C ILE A 251 6.88 -9.86 31.38
N CYS A 252 5.56 -9.92 31.28
CA CYS A 252 4.70 -9.89 32.46
C CYS A 252 4.36 -11.30 32.95
N SER A 253 5.40 -12.09 33.25
CA SER A 253 5.22 -13.51 33.55
C SER A 253 4.46 -13.77 34.84
N ASP A 254 5.00 -13.25 35.95
CA ASP A 254 4.39 -13.48 37.26
C ASP A 254 2.98 -12.89 37.35
N ASN A 255 2.82 -11.68 36.85
CA ASN A 255 1.57 -10.94 37.05
C ASN A 255 0.50 -11.43 36.07
N LEU A 256 -0.18 -12.52 36.43
CA LEU A 256 -1.19 -13.13 35.54
C LEU A 256 -2.33 -12.16 35.22
N SER A 257 -2.46 -11.10 36.02
CA SER A 257 -3.44 -10.03 35.79
C SER A 257 -3.10 -9.15 34.58
N HIS A 258 -1.90 -8.56 34.61
CA HIS A 258 -1.41 -7.68 33.55
C HIS A 258 -1.48 -8.32 32.16
N GLN A 259 -1.38 -9.65 32.13
CA GLN A 259 -1.39 -10.38 30.89
C GLN A 259 -2.76 -10.26 30.21
N ARG A 260 -3.82 -10.68 30.87
CA ARG A 260 -5.18 -10.67 30.29
C ARG A 260 -5.61 -9.30 29.76
N THR A 261 -5.15 -8.24 30.45
CA THR A 261 -5.34 -6.86 30.01
C THR A 261 -4.67 -6.62 28.66
N ILE A 262 -3.47 -7.18 28.53
CA ILE A 262 -2.62 -7.00 27.37
C ILE A 262 -3.05 -7.85 26.18
N SER A 263 -3.28 -9.13 26.44
CA SER A 263 -3.78 -10.03 25.42
C SER A 263 -5.02 -9.39 24.75
N ASP A 264 -5.96 -8.88 25.56
CA ASP A 264 -7.20 -8.27 25.03
C ASP A 264 -6.92 -7.04 24.17
N ASN A 265 -6.09 -6.13 24.68
CA ASN A 265 -5.75 -4.92 23.93
C ASN A 265 -5.08 -5.25 22.57
N TRP A 266 -4.18 -6.23 22.55
CA TRP A 266 -3.54 -6.66 21.29
C TRP A 266 -4.55 -7.28 20.32
N ASP A 267 -5.45 -8.13 20.81
CA ASP A 267 -6.46 -8.73 19.95
C ASP A 267 -7.30 -7.68 19.23
N ALA A 268 -7.54 -6.54 19.88
CA ALA A 268 -8.28 -5.45 19.24
C ALA A 268 -7.43 -4.79 18.16
N ILE A 269 -6.13 -4.86 18.32
CA ILE A 269 -5.20 -4.29 17.37
C ILE A 269 -5.00 -5.24 16.22
N LEU A 270 -4.93 -6.51 16.54
CA LEU A 270 -4.66 -7.54 15.55
C LEU A 270 -5.88 -7.80 14.66
N LYS A 271 -7.09 -7.50 15.13
CA LYS A 271 -8.28 -7.57 14.26
C LYS A 271 -7.99 -6.97 12.88
N HIS A 272 -7.63 -5.68 12.86
CA HIS A 272 -7.29 -4.99 11.60
C HIS A 272 -6.27 -5.82 10.81
N PRO A 273 -6.25 -5.70 9.47
CA PRO A 273 -5.42 -6.59 8.63
C PRO A 273 -3.92 -6.25 8.60
N SER A 274 -3.14 -7.12 7.96
CA SER A 274 -1.67 -7.07 8.01
C SER A 274 -1.10 -5.67 7.72
N LYS A 275 -1.32 -5.20 6.51
CA LYS A 275 -0.65 -3.99 6.07
C LYS A 275 -0.85 -2.85 7.08
N LYS A 276 -2.06 -2.74 7.62
CA LYS A 276 -2.46 -1.56 8.40
C LYS A 276 -1.88 -1.60 9.83
N VAL A 277 -1.97 -2.78 10.45
CA VAL A 277 -1.26 -3.08 11.70
C VAL A 277 0.19 -2.62 11.60
N THR A 278 0.97 -3.23 10.71
CA THR A 278 2.40 -2.95 10.62
C THR A 278 2.63 -1.46 10.37
N ASP A 279 1.83 -0.86 9.50
CA ASP A 279 2.02 0.55 9.15
C ASP A 279 1.71 1.45 10.31
N TYR A 280 0.71 1.07 11.10
CA TYR A 280 0.33 1.85 12.29
C TYR A 280 1.44 1.78 13.33
N LEU A 281 1.83 0.55 13.69
CA LEU A 281 2.94 0.34 14.61
C LEU A 281 4.19 1.14 14.23
N ARG A 282 4.49 1.22 12.93
CA ARG A 282 5.64 1.99 12.49
C ARG A 282 5.44 3.45 12.86
N TRP A 283 4.30 3.97 12.44
CA TRP A 283 3.96 5.36 12.69
C TRP A 283 3.95 5.63 14.21
N ILE A 284 3.36 4.75 14.97
CA ILE A 284 3.34 4.98 16.39
C ILE A 284 4.77 5.13 16.93
N LEU A 285 5.66 4.23 16.50
CA LEU A 285 7.03 4.20 17.03
C LEU A 285 7.77 5.47 16.67
N ILE A 286 7.80 5.77 15.37
CA ILE A 286 8.37 7.04 14.89
C ILE A 286 8.01 8.20 15.80
N MET A 287 6.74 8.30 16.19
CA MET A 287 6.31 9.31 17.14
C MET A 287 7.06 9.16 18.46
N LEU A 288 6.81 8.07 19.17
CA LEU A 288 7.41 7.84 20.49
C LEU A 288 8.93 8.05 20.55
N THR A 289 9.65 7.64 19.51
CA THR A 289 11.10 7.71 19.57
C THR A 289 11.67 8.98 18.95
N GLY A 290 10.94 9.54 18.00
CA GLY A 290 11.40 10.72 17.29
C GLY A 290 12.47 10.41 16.27
N ASN A 291 12.47 9.17 15.77
CA ASN A 291 13.40 8.79 14.69
C ASN A 291 12.72 8.08 13.54
N ASN A 292 13.13 8.39 12.31
CA ASN A 292 12.49 7.75 11.14
C ASN A 292 12.84 6.27 10.97
N ILE A 293 12.63 5.49 12.04
CA ILE A 293 12.89 4.06 12.04
C ILE A 293 12.45 3.31 10.76
N THR A 294 13.32 2.43 10.26
CA THR A 294 13.04 1.69 9.04
C THR A 294 12.14 0.50 9.30
N ALA A 295 11.35 0.14 8.29
CA ALA A 295 10.36 -0.92 8.40
C ALA A 295 10.87 -2.23 9.05
N SER A 296 11.98 -2.77 8.57
CA SER A 296 12.54 -3.98 9.18
C SER A 296 12.85 -3.85 10.66
N SER A 297 13.49 -2.75 11.03
CA SER A 297 14.02 -2.60 12.40
C SER A 297 12.96 -2.24 13.44
N VAL A 298 11.71 -2.08 12.98
CA VAL A 298 10.60 -1.78 13.88
C VAL A 298 10.43 -2.84 14.95
N LEU A 299 10.46 -4.11 14.56
CA LEU A 299 10.32 -5.19 15.54
C LEU A 299 11.42 -5.06 16.59
N GLU A 300 12.65 -4.90 16.11
CA GLU A 300 13.82 -4.82 16.98
C GLU A 300 13.72 -3.59 17.89
N GLU A 301 13.47 -2.42 17.31
CA GLU A 301 13.42 -1.17 18.09
C GLU A 301 12.34 -1.16 19.16
N TYR A 302 11.19 -1.74 18.86
CA TYR A 302 10.13 -1.82 19.85
C TYR A 302 10.66 -2.47 21.12
N LYS A 303 11.43 -3.54 20.98
CA LYS A 303 11.94 -4.27 22.15
C LYS A 303 13.05 -3.50 22.85
N LYS A 304 13.91 -2.84 22.09
CA LYS A 304 15.02 -2.07 22.68
C LYS A 304 14.54 -0.79 23.40
N THR A 305 13.51 -0.12 22.88
CA THR A 305 13.06 1.19 23.41
C THR A 305 11.82 1.12 24.30
N VAL A 306 10.73 0.66 23.72
CA VAL A 306 9.39 0.79 24.29
C VAL A 306 9.00 -0.40 25.16
N PHE A 307 9.65 -1.54 24.92
CA PHE A 307 9.36 -2.77 25.64
C PHE A 307 10.64 -3.40 26.14
N ASN A 308 11.13 -2.93 27.28
CA ASN A 308 12.35 -3.45 27.87
C ASN A 308 12.30 -3.41 29.39
N GLU A 309 13.27 -4.08 30.01
CA GLU A 309 13.26 -4.32 31.44
C GLU A 309 13.31 -3.05 32.30
N LEU A 310 14.15 -2.10 31.92
CA LEU A 310 14.18 -0.84 32.64
C LEU A 310 12.81 -0.25 32.46
N ILE A 311 12.31 -0.39 31.24
CA ILE A 311 10.96 -0.10 30.86
C ILE A 311 10.01 -1.03 31.60
N SER A 312 10.51 -2.21 31.92
CA SER A 312 9.66 -3.34 32.24
C SER A 312 9.15 -3.25 33.66
N LYS A 313 8.31 -2.25 33.90
CA LYS A 313 7.70 -2.09 35.21
C LYS A 313 6.21 -2.39 35.16
N SER A 314 5.75 -3.00 34.09
CA SER A 314 4.31 -3.14 33.88
C SER A 314 3.75 -1.78 33.45
N GLU A 315 4.64 -0.86 33.14
CA GLU A 315 4.34 0.30 32.32
C GLU A 315 3.96 -0.26 30.96
N ILE A 316 4.55 -1.40 30.61
CA ILE A 316 4.37 -2.00 29.31
C ILE A 316 2.89 -2.22 29.17
N ALA A 317 2.27 -2.64 30.26
CA ALA A 317 0.85 -2.88 30.23
C ALA A 317 0.10 -1.60 29.86
N GLN A 318 0.53 -0.49 30.40
CA GLN A 318 -0.05 0.80 30.05
C GLN A 318 0.20 1.14 28.61
N THR A 319 1.42 0.90 28.14
CA THR A 319 1.78 1.27 26.78
C THR A 319 0.97 0.52 25.74
N VAL A 320 0.83 -0.78 25.93
CA VAL A 320 -0.02 -1.59 25.05
C VAL A 320 -1.35 -0.89 24.86
N ALA A 321 -2.02 -0.59 25.97
CA ALA A 321 -3.30 0.14 25.92
C ALA A 321 -3.17 1.47 25.16
N TYR A 322 -2.03 2.13 25.31
CA TYR A 322 -1.76 3.34 24.55
C TYR A 322 -1.66 3.01 23.06
N ILE A 323 -1.13 1.85 22.72
CA ILE A 323 -1.00 1.51 21.30
C ILE A 323 -2.40 1.45 20.71
N ARG A 324 -3.26 0.64 21.33
CA ARG A 324 -4.65 0.52 20.91
C ARG A 324 -5.29 1.89 20.66
N ASP A 325 -5.24 2.77 21.66
CA ASP A 325 -5.83 4.11 21.52
C ASP A 325 -5.27 4.82 20.28
N CYS A 326 -3.97 4.71 20.05
CA CYS A 326 -3.33 5.26 18.86
C CYS A 326 -3.92 4.65 17.59
N VAL A 327 -4.00 3.32 17.57
CA VAL A 327 -4.61 2.61 16.45
C VAL A 327 -6.04 3.12 16.17
N GLU A 328 -6.89 3.17 17.21
CA GLU A 328 -8.26 3.68 17.10
C GLU A 328 -8.36 5.08 16.45
N ARG A 329 -7.37 5.95 16.71
CA ARG A 329 -7.31 7.26 16.06
C ARG A 329 -6.85 7.18 14.62
N LEU A 330 -5.89 6.30 14.38
CA LEU A 330 -5.24 6.22 13.07
C LEU A 330 -6.24 5.74 12.03
N GLU A 331 -7.19 4.92 12.47
CA GLU A 331 -8.28 4.50 11.60
C GLU A 331 -9.11 5.69 11.12
N TYR A 332 -9.12 6.79 11.87
CA TYR A 332 -9.71 8.04 11.37
C TYR A 332 -8.72 8.75 10.48
N ILE A 333 -7.53 9.00 11.01
CA ILE A 333 -6.58 9.88 10.32
C ILE A 333 -5.98 9.26 9.03
N SER A 334 -5.86 7.93 8.98
CA SER A 334 -5.38 7.21 7.77
C SER A 334 -6.35 7.30 6.61
N SER A 335 -7.63 7.50 6.92
CA SER A 335 -8.68 7.62 5.91
C SER A 335 -9.18 9.06 5.78
N GLY A 336 -8.45 10.00 6.36
CA GLY A 336 -8.61 11.41 6.06
C GLY A 336 -9.68 12.03 6.92
N GLU A 337 -10.04 11.33 7.98
CA GLU A 337 -11.20 11.68 8.77
C GLU A 337 -10.86 12.24 10.16
N TRP A 338 -11.75 13.09 10.65
CA TRP A 338 -11.54 13.84 11.87
C TRP A 338 -11.56 12.89 13.08
N PRO A 339 -10.52 12.95 13.92
CA PRO A 339 -10.52 12.10 15.11
C PRO A 339 -11.41 12.55 16.29
N PHE A 340 -11.71 13.84 16.42
CA PHE A 340 -12.54 14.33 17.56
C PHE A 340 -14.03 14.40 17.21
N GLU A 341 -14.89 14.45 18.22
CA GLU A 341 -16.35 14.38 18.03
C GLU A 341 -16.87 15.54 17.20
N ASN A 342 -18.04 15.34 16.57
CA ASN A 342 -18.50 16.19 15.45
C ASN A 342 -19.11 17.54 15.79
N ASN A 343 -19.39 17.79 17.07
CA ASN A 343 -20.13 18.99 17.48
C ASN A 343 -19.54 20.28 16.92
N ASN A 344 -18.33 20.65 17.34
CA ASN A 344 -17.65 21.79 16.73
C ASN A 344 -17.71 21.56 15.22
N ASP A 345 -18.29 22.50 14.48
CA ASP A 345 -18.48 22.28 13.05
C ASP A 345 -17.14 22.03 12.38
N ASN A 346 -16.17 22.90 12.62
CA ASN A 346 -14.78 22.67 12.22
C ASN A 346 -14.59 22.13 10.81
N LYS A 347 -15.48 22.52 9.92
CA LYS A 347 -15.53 21.93 8.59
C LYS A 347 -14.33 22.32 7.73
N TRP A 348 -13.84 23.52 7.93
CA TRP A 348 -12.80 24.02 7.07
C TRP A 348 -11.53 23.19 7.25
N HIS A 349 -11.14 22.96 8.51
CA HIS A 349 -9.96 22.14 8.81
C HIS A 349 -10.19 20.70 8.40
N LYS A 350 -11.39 20.20 8.68
CA LYS A 350 -11.80 18.86 8.22
C LYS A 350 -11.53 18.73 6.74
N SER A 351 -11.70 19.83 6.01
CA SER A 351 -11.51 19.81 4.56
C SER A 351 -10.04 19.73 4.20
N LYS A 352 -9.18 20.15 5.13
CA LYS A 352 -7.74 20.12 4.94
C LYS A 352 -7.20 18.71 5.16
N LEU A 353 -7.56 18.10 6.28
CA LEU A 353 -7.19 16.72 6.59
C LEU A 353 -7.58 15.79 5.45
N ASP A 354 -8.74 16.03 4.84
CA ASP A 354 -9.18 15.22 3.71
C ASP A 354 -8.25 15.48 2.56
N LEU A 355 -8.08 16.76 2.25
CA LEU A 355 -7.16 17.18 1.20
C LEU A 355 -5.80 16.52 1.39
N LEU A 356 -5.25 16.67 2.58
CA LEU A 356 -3.85 16.35 2.85
C LEU A 356 -3.51 14.89 2.57
N ILE A 357 -4.41 13.99 2.93
CA ILE A 357 -4.07 12.58 2.89
C ILE A 357 -4.95 11.74 1.98
N ASN A 358 -6.21 12.12 1.77
CA ASN A 358 -7.02 11.46 0.74
C ASN A 358 -6.71 11.97 -0.69
N LYS A 359 -6.32 13.23 -0.82
CA LYS A 359 -6.19 13.82 -2.15
C LYS A 359 -4.74 13.85 -2.63
N LEU A 360 -3.85 14.21 -1.71
CA LEU A 360 -2.41 14.29 -2.00
C LEU A 360 -1.64 13.09 -1.46
N LYS A 361 -2.28 12.34 -0.58
CA LYS A 361 -1.77 11.05 -0.17
C LYS A 361 -0.43 11.23 0.54
N HIS A 362 -0.33 12.32 1.28
CA HIS A 362 0.86 12.64 2.03
C HIS A 362 0.84 11.94 3.38
N LEU A 363 1.07 10.62 3.34
CA LEU A 363 1.06 9.80 4.56
C LEU A 363 2.25 10.03 5.49
N HIS A 364 3.35 10.51 4.95
CA HIS A 364 4.51 10.82 5.77
C HIS A 364 4.14 11.54 7.04
N ALA A 365 3.13 12.42 6.96
CA ALA A 365 2.76 13.31 8.06
C ALA A 365 2.13 12.61 9.25
N MET A 366 1.84 11.33 9.07
CA MET A 366 1.04 10.59 10.01
C MET A 366 1.49 10.65 11.48
N PRO A 367 2.77 10.39 11.77
CA PRO A 367 3.08 10.45 13.19
C PRO A 367 2.86 11.83 13.76
N LEU A 368 3.16 12.84 12.95
CA LEU A 368 2.88 14.21 13.32
C LEU A 368 1.43 14.32 13.76
N LEU A 369 0.53 14.03 12.84
CA LEU A 369 -0.89 14.19 13.07
C LEU A 369 -1.37 13.41 14.29
N LEU A 370 -0.83 12.21 14.45
CA LEU A 370 -1.22 11.35 15.56
C LEU A 370 -0.87 12.03 16.87
N ALA A 371 0.41 12.38 17.00
CA ALA A 371 0.89 13.17 18.12
C ALA A 371 0.10 14.48 18.23
N ALA A 372 -0.17 15.12 17.08
CA ALA A 372 -1.02 16.30 17.09
C ALA A 372 -2.37 16.02 17.77
N SER A 373 -2.99 14.89 17.43
CA SER A 373 -4.29 14.55 18.00
C SER A 373 -4.25 14.34 19.53
N PHE A 374 -3.07 14.05 20.07
CA PHE A 374 -2.91 13.95 21.53
C PHE A 374 -2.65 15.30 22.19
N SER A 375 -2.37 16.30 21.36
CA SER A 375 -2.32 17.69 21.79
C SER A 375 -3.75 18.22 21.83
N SER A 376 -3.90 19.54 21.89
CA SER A 376 -5.24 20.15 21.79
C SER A 376 -5.84 20.01 20.40
N GLU A 377 -7.18 20.12 20.30
CA GLU A 377 -7.88 20.16 19.02
C GLU A 377 -7.59 21.42 18.16
N ASN A 378 -7.29 22.55 18.80
CA ASN A 378 -6.85 23.73 18.06
C ASN A 378 -5.50 23.45 17.41
N ASN A 379 -4.58 22.93 18.22
CA ASN A 379 -3.28 22.51 17.72
C ASN A 379 -3.42 21.59 16.54
N PHE A 380 -4.25 20.55 16.69
CA PHE A 380 -4.44 19.59 15.61
C PHE A 380 -4.86 20.38 14.40
N LYS A 381 -5.84 21.25 14.61
CA LYS A 381 -6.40 22.07 13.56
C LYS A 381 -5.32 22.83 12.82
N HIS A 382 -4.50 23.57 13.57
CA HIS A 382 -3.45 24.38 12.97
C HIS A 382 -2.35 23.53 12.31
N ILE A 383 -1.99 22.43 12.95
CA ILE A 383 -0.93 21.57 12.46
C ILE A 383 -1.31 20.99 11.11
N VAL A 384 -2.53 20.46 11.02
CA VAL A 384 -3.05 19.94 9.76
C VAL A 384 -2.95 21.01 8.69
N ASN A 385 -3.50 22.18 8.99
CA ASN A 385 -3.58 23.26 8.03
C ASN A 385 -2.18 23.57 7.52
N GLU A 386 -1.27 23.83 8.45
CA GLU A 386 0.05 24.27 8.08
C GLU A 386 0.83 23.22 7.35
N THR A 387 0.84 22.00 7.89
CA THR A 387 1.55 20.87 7.31
C THR A 387 1.13 20.61 5.87
N SER A 388 -0.10 21.01 5.52
CA SER A 388 -0.53 21.01 4.13
C SER A 388 0.31 22.01 3.35
N LYS A 389 0.35 23.24 3.86
CA LYS A 389 0.98 24.35 3.14
C LYS A 389 2.43 23.93 2.86
N PHE A 390 3.08 23.39 3.87
CA PHE A 390 4.45 22.88 3.75
C PHE A 390 4.55 21.86 2.63
N PHE A 391 3.74 20.81 2.71
CA PHE A 391 3.76 19.78 1.69
C PHE A 391 3.49 20.32 0.31
N ILE A 392 2.62 21.29 0.20
CA ILE A 392 2.26 21.82 -1.10
C ILE A 392 3.47 22.52 -1.73
N ARG A 393 4.03 23.46 -1.00
CA ARG A 393 5.23 24.15 -1.44
C ARG A 393 6.33 23.15 -1.75
N CYS A 394 6.62 22.29 -0.77
CA CYS A 394 7.78 21.39 -0.83
C CYS A 394 7.70 20.31 -1.89
N LYS A 395 6.53 19.67 -2.06
CA LYS A 395 6.39 18.57 -3.05
C LYS A 395 5.28 18.70 -4.13
N MET A 396 4.27 19.54 -3.92
CA MET A 396 3.28 19.79 -4.97
C MET A 396 3.85 20.79 -5.98
N ILE A 397 4.38 21.90 -5.45
CA ILE A 397 4.96 22.96 -6.28
C ILE A 397 6.41 22.62 -6.63
N SER A 398 7.29 22.65 -5.64
CA SER A 398 8.65 22.17 -5.80
C SER A 398 8.60 20.64 -5.84
N ASP A 399 9.60 19.97 -6.41
CA ASP A 399 9.65 18.50 -6.31
C ASP A 399 10.86 18.00 -5.53
N LEU A 400 10.90 18.36 -4.25
CA LEU A 400 11.93 17.86 -3.34
C LEU A 400 11.73 16.39 -3.03
N HIS A 401 12.83 15.72 -2.67
CA HIS A 401 12.82 14.32 -2.28
C HIS A 401 12.06 14.22 -0.96
N ALA A 402 11.23 13.19 -0.80
CA ALA A 402 10.38 13.06 0.39
C ALA A 402 11.15 12.89 1.72
N SER A 403 12.45 12.56 1.62
CA SER A 403 13.30 12.38 2.80
C SER A 403 13.40 13.66 3.60
N ILE A 404 13.07 14.78 2.97
CA ILE A 404 12.90 16.04 3.67
C ILE A 404 11.96 15.83 4.88
N PHE A 405 10.87 15.11 4.66
CA PHE A 405 9.82 14.93 5.67
C PHE A 405 10.21 13.96 6.77
N SER A 406 10.98 12.95 6.40
CA SER A 406 11.29 11.84 7.27
C SER A 406 11.76 12.33 8.65
N LYS A 407 12.89 13.00 8.67
CA LYS A 407 13.52 13.39 9.92
C LYS A 407 12.75 14.54 10.60
N LEU A 408 12.34 15.53 9.82
CA LEU A 408 11.61 16.69 10.34
C LEU A 408 10.46 16.25 11.25
N TYR A 409 9.50 15.55 10.63
CA TYR A 409 8.26 15.19 11.31
C TYR A 409 8.47 14.34 12.56
N ALA A 410 9.53 13.52 12.58
CA ALA A 410 9.80 12.60 13.69
C ALA A 410 10.10 13.31 15.00
N VAL A 411 10.97 14.33 14.95
CA VAL A 411 11.29 15.08 16.15
C VAL A 411 10.04 15.81 16.59
N LEU A 412 9.42 16.51 15.64
CA LEU A 412 8.15 17.18 15.88
C LEU A 412 7.15 16.24 16.55
N ALA A 413 6.94 15.10 15.93
CA ALA A 413 6.00 14.13 16.42
C ALA A 413 6.34 13.84 17.85
N LEU A 414 7.62 13.64 18.12
CA LEU A 414 8.07 13.33 19.48
C LEU A 414 7.88 14.51 20.39
N ARG A 415 8.29 15.68 19.91
CA ARG A 415 8.13 16.91 20.67
C ARG A 415 6.70 16.96 21.21
N ILE A 416 5.75 16.86 20.28
CA ILE A 416 4.34 17.10 20.56
C ILE A 416 3.82 16.09 21.54
N HIS A 417 4.35 14.88 21.46
CA HIS A 417 3.97 13.80 22.35
C HIS A 417 4.26 14.16 23.82
N LYS A 418 5.42 14.77 24.05
CA LYS A 418 5.82 15.17 25.41
C LYS A 418 5.09 16.44 25.80
N GLU A 419 5.08 17.41 24.90
CA GLU A 419 4.52 18.72 25.21
C GLU A 419 2.98 18.77 25.22
N ARG A 420 2.33 17.98 24.37
CA ARG A 420 0.86 17.92 24.32
C ARG A 420 0.27 19.31 24.18
N ASP A 421 -0.65 19.73 25.05
CA ASP A 421 -1.33 21.07 24.94
C ASP A 421 -0.42 22.31 25.18
N ARG A 422 0.63 22.16 25.98
CA ARG A 422 1.61 23.23 26.16
C ARG A 422 2.52 23.36 24.91
N PHE A 423 2.44 22.39 23.99
CA PHE A 423 3.09 22.53 22.68
C PHE A 423 2.49 23.77 22.05
N ASP A 424 3.35 24.61 21.48
CA ASP A 424 2.92 25.84 20.84
C ASP A 424 3.15 25.72 19.33
N ILE A 425 2.27 26.35 18.57
CA ILE A 425 2.35 26.31 17.13
C ILE A 425 3.70 26.81 16.59
N SER A 426 4.25 27.86 17.19
CA SER A 426 5.46 28.49 16.64
C SER A 426 6.61 27.49 16.43
N LYS A 427 6.70 26.50 17.30
CA LYS A 427 7.67 25.42 17.13
C LYS A 427 7.63 24.87 15.70
N LEU A 428 6.41 24.65 15.21
CA LEU A 428 6.18 24.14 13.86
C LEU A 428 6.76 25.04 12.76
N HIS A 429 6.53 26.34 12.87
CA HIS A 429 7.01 27.30 11.88
C HIS A 429 8.54 27.26 11.85
N GLY A 430 9.16 27.54 12.99
CA GLY A 430 10.62 27.51 13.11
C GLY A 430 11.20 26.23 12.54
N ALA A 431 10.62 25.11 12.96
CA ALA A 431 10.97 23.81 12.42
C ALA A 431 10.91 23.80 10.88
N PHE A 432 9.77 24.20 10.32
CA PHE A 432 9.57 24.24 8.87
C PHE A 432 10.52 25.23 8.22
N ASN A 433 10.74 26.34 8.92
CA ASN A 433 11.52 27.45 8.39
C ASN A 433 12.98 27.05 8.24
N GLU A 434 13.57 26.54 9.34
CA GLU A 434 14.92 25.95 9.32
C GLU A 434 15.11 25.23 8.00
N ILE A 435 14.31 24.18 7.83
CA ILE A 435 14.49 23.25 6.75
C ILE A 435 14.46 23.99 5.41
N LEU A 436 13.57 24.98 5.31
CA LEU A 436 13.37 25.71 4.06
C LEU A 436 14.46 26.71 3.75
N LEU A 437 15.09 27.28 4.77
CA LEU A 437 16.28 28.11 4.56
C LEU A 437 17.37 27.24 3.95
N ASP A 438 17.68 26.15 4.67
CA ASP A 438 18.69 25.20 4.22
C ASP A 438 18.55 24.83 2.73
N LYS A 439 17.38 24.35 2.32
CA LYS A 439 17.17 23.90 0.93
C LYS A 439 16.72 25.01 -0.03
N ASP A 440 16.21 26.11 0.52
CA ASP A 440 15.84 27.26 -0.31
C ASP A 440 16.23 28.56 0.37
N PRO A 441 17.30 29.21 -0.13
CA PRO A 441 17.87 30.33 0.61
C PRO A 441 16.96 31.57 0.66
N GLU A 442 16.66 32.11 -0.52
CA GLU A 442 15.91 33.37 -0.63
C GLU A 442 14.53 33.11 -1.22
N ASP A 443 13.94 31.96 -0.91
CA ASP A 443 12.68 31.54 -1.53
C ASP A 443 12.82 31.71 -3.04
N VAL A 444 13.89 31.15 -3.60
CA VAL A 444 14.25 31.31 -5.01
C VAL A 444 13.97 30.07 -5.84
N ARG A 445 14.15 28.88 -5.26
CA ARG A 445 13.76 27.63 -5.92
C ARG A 445 12.22 27.51 -5.99
N PHE A 446 11.57 27.85 -4.88
CA PHE A 446 10.10 27.85 -4.80
C PHE A 446 9.53 28.79 -5.86
N SER A 447 10.08 30.01 -5.92
CA SER A 447 9.68 31.05 -6.89
C SER A 447 9.84 30.65 -8.37
N THR A 448 10.99 30.07 -8.71
CA THR A 448 11.28 29.65 -10.09
C THR A 448 10.25 28.61 -10.54
N ASN A 449 9.86 27.74 -9.61
CA ASN A 449 8.88 26.69 -9.89
C ASN A 449 7.45 27.22 -10.10
N VAL A 450 6.93 27.94 -9.09
CA VAL A 450 5.66 28.66 -9.20
C VAL A 450 5.58 29.41 -10.54
N ARG A 451 6.71 29.99 -10.93
CA ARG A 451 6.81 30.73 -12.20
C ARG A 451 6.64 29.81 -13.40
N SER A 452 7.20 28.60 -13.34
CA SER A 452 7.18 27.68 -14.49
C SER A 452 6.05 26.65 -14.47
N LEU A 453 5.02 26.90 -13.64
CA LEU A 453 3.79 26.08 -13.58
C LEU A 453 2.89 26.22 -14.80
N ILE A 454 2.63 25.09 -15.47
CA ILE A 454 1.77 25.05 -16.66
C ILE A 454 0.47 24.33 -16.30
N TYR A 455 -0.66 24.86 -16.79
CA TYR A 455 -1.95 24.17 -16.72
C TYR A 455 -1.86 22.84 -17.51
N GLN A 456 -2.53 21.81 -16.98
CA GLN A 456 -2.56 20.47 -17.57
C GLN A 456 -3.90 20.16 -18.26
N LYS A 457 -3.82 19.61 -19.47
CA LYS A 457 -5.01 19.27 -20.26
C LYS A 457 -5.79 18.02 -19.81
N LYS A 458 -5.19 17.19 -18.95
CA LYS A 458 -5.80 15.91 -18.54
C LYS A 458 -6.04 15.79 -17.03
N GLY A 459 -5.19 16.44 -16.23
CA GLY A 459 -5.28 16.36 -14.77
C GLY A 459 -6.60 16.79 -14.11
N ASP A 460 -6.64 16.66 -12.78
CA ASP A 460 -7.56 17.40 -11.92
C ASP A 460 -6.81 18.66 -11.48
N ASN A 461 -5.54 18.77 -11.89
CA ASN A 461 -4.75 19.97 -11.71
C ASN A 461 -4.45 20.32 -10.27
N LYS A 462 -4.12 19.33 -9.47
CA LYS A 462 -3.91 19.55 -8.05
C LYS A 462 -2.92 20.69 -7.81
N PRO A 463 -1.80 20.73 -8.56
CA PRO A 463 -0.77 21.65 -8.07
C PRO A 463 -1.18 23.12 -8.22
N ILE A 464 -1.73 23.50 -9.38
CA ILE A 464 -2.23 24.87 -9.56
C ILE A 464 -3.38 25.20 -8.61
N LYS A 465 -4.33 24.28 -8.50
CA LYS A 465 -5.48 24.46 -7.63
C LYS A 465 -5.08 24.67 -6.18
N CYS A 466 -4.12 23.90 -5.70
CA CYS A 466 -3.65 24.06 -4.32
C CYS A 466 -3.08 25.46 -4.08
N LEU A 467 -2.25 25.91 -5.02
CA LEU A 467 -1.62 27.22 -4.94
C LEU A 467 -2.71 28.31 -4.85
N LEU A 468 -3.50 28.46 -5.92
CA LEU A 468 -4.58 29.46 -5.96
C LEU A 468 -5.45 29.39 -4.71
N MET A 469 -6.21 28.33 -4.54
CA MET A 469 -6.98 28.15 -3.33
C MET A 469 -6.34 28.80 -2.10
N THR A 470 -5.10 28.43 -1.81
CA THR A 470 -4.49 28.81 -0.52
C THR A 470 -4.25 30.32 -0.39
N ILE A 471 -3.68 30.94 -1.42
CA ILE A 471 -3.48 32.42 -1.41
C ILE A 471 -4.81 33.16 -1.29
N GLN A 472 -5.79 32.74 -2.07
CA GLN A 472 -7.15 33.21 -1.90
C GLN A 472 -7.63 33.13 -0.44
N GLU A 473 -7.40 32.00 0.23
CA GLU A 473 -7.81 31.84 1.64
C GLU A 473 -6.98 32.67 2.62
N ASN A 474 -5.83 33.16 2.16
CA ASN A 474 -4.96 34.02 2.96
C ASN A 474 -4.77 35.35 2.27
N TRP A 475 -5.78 35.75 1.50
CA TRP A 475 -5.71 36.99 0.74
C TRP A 475 -5.80 38.23 1.63
N GLU A 476 -6.84 38.32 2.45
CA GLU A 476 -7.03 39.50 3.30
C GLU A 476 -5.71 39.88 3.97
N TRP A 477 -5.04 38.90 4.57
CA TRP A 477 -3.74 39.10 5.23
C TRP A 477 -2.61 39.52 4.28
N LEU A 478 -2.71 39.14 3.01
CA LEU A 478 -1.74 39.55 1.98
C LEU A 478 -1.72 41.04 1.77
N LYS A 479 -2.90 41.66 1.80
CA LYS A 479 -3.04 43.09 1.50
C LYS A 479 -3.08 43.98 2.76
N GLN A 480 -2.99 43.38 3.95
CA GLN A 480 -2.85 44.16 5.17
C GLN A 480 -1.47 44.83 5.11
N PRO A 481 -1.41 46.14 5.39
CA PRO A 481 -0.35 47.01 4.87
C PRO A 481 1.07 46.61 5.27
N CYS A 482 1.26 46.18 6.52
CA CYS A 482 2.59 45.96 7.07
C CYS A 482 2.73 44.64 7.81
N GLN A 483 3.99 44.20 7.92
CA GLN A 483 4.42 43.02 8.67
C GLN A 483 4.05 41.71 7.98
N GLY A 484 2.76 41.46 7.82
CA GLY A 484 2.31 40.20 7.26
C GLY A 484 3.14 39.10 7.92
N ASN A 485 3.03 39.00 9.25
CA ASN A 485 3.70 37.91 9.98
C ASN A 485 2.89 36.61 9.91
N SER A 486 3.60 35.48 9.85
CA SER A 486 2.95 34.16 9.66
C SER A 486 2.03 33.74 10.81
N LEU A 487 2.33 34.19 12.02
CA LEU A 487 1.49 33.89 13.18
C LEU A 487 0.20 34.71 13.12
N ASN A 488 0.28 35.92 12.58
CA ASN A 488 -0.92 36.74 12.30
C ASN A 488 -1.73 36.14 11.16
N ARG A 489 -1.02 35.57 10.19
CA ARG A 489 -1.63 34.96 9.03
C ARG A 489 -2.50 33.79 9.49
N LEU A 490 -2.01 33.07 10.47
CA LEU A 490 -2.73 31.93 11.02
C LEU A 490 -3.92 32.35 11.89
N LYS A 491 -3.85 33.54 12.47
CA LYS A 491 -4.98 34.07 13.23
C LYS A 491 -6.00 34.69 12.28
N ARG A 492 -5.51 35.44 11.29
CA ARG A 492 -6.39 36.15 10.35
C ARG A 492 -6.41 35.50 8.95
N GLU A 493 -6.85 34.24 8.87
CA GLU A 493 -6.95 33.49 7.60
C GLU A 493 -8.40 33.12 7.31
N ASP A 494 -8.77 33.09 6.03
CA ASP A 494 -10.17 32.89 5.61
C ASP A 494 -10.61 31.41 5.66
N GLN A 495 -11.48 31.07 6.62
CA GLN A 495 -11.98 29.70 6.82
C GLN A 495 -13.47 29.54 6.49
N THR A 496 -14.05 30.51 5.81
CA THR A 496 -15.49 30.51 5.56
C THR A 496 -15.87 29.67 4.35
N ILE A 497 -14.90 29.45 3.47
CA ILE A 497 -15.12 28.77 2.20
C ILE A 497 -14.33 27.46 2.11
N ILE A 498 -15.05 26.38 1.79
CA ILE A 498 -14.47 25.04 1.71
C ILE A 498 -14.40 24.62 0.26
N PHE A 499 -13.24 24.87 -0.34
CA PHE A 499 -13.04 24.68 -1.79
C PHE A 499 -13.01 23.21 -2.23
N ASP A 500 -13.84 22.87 -3.21
CA ASP A 500 -13.87 21.52 -3.76
C ASP A 500 -13.21 21.55 -5.14
N PHE A 501 -12.08 20.85 -5.29
CA PHE A 501 -11.36 20.78 -6.57
C PHE A 501 -12.21 20.29 -7.73
N ASN A 502 -13.24 19.48 -7.46
CA ASN A 502 -14.07 18.90 -8.52
C ASN A 502 -14.95 19.94 -9.19
N SER A 503 -15.36 20.94 -8.39
CA SER A 503 -16.21 22.05 -8.84
C SER A 503 -15.48 23.40 -8.88
N MET A 504 -14.22 23.42 -8.51
CA MET A 504 -13.35 24.58 -8.71
C MET A 504 -13.37 24.85 -10.19
N THR A 505 -13.27 26.12 -10.58
CA THR A 505 -13.12 26.42 -11.99
C THR A 505 -11.81 27.15 -12.18
N LEU A 506 -11.04 26.68 -13.13
CA LEU A 506 -9.77 27.29 -13.48
C LEU A 506 -9.96 27.97 -14.84
N GLU A 507 -9.93 29.30 -14.82
CA GLU A 507 -10.17 30.06 -16.04
C GLU A 507 -8.88 30.35 -16.77
N HIS A 508 -8.94 30.24 -18.08
CA HIS A 508 -7.94 30.80 -19.00
C HIS A 508 -8.37 32.24 -19.36
N ILE A 509 -7.62 33.24 -18.90
CA ILE A 509 -8.01 34.65 -19.10
C ILE A 509 -7.96 34.98 -20.60
N TYR A 510 -6.79 34.84 -21.23
CA TYR A 510 -6.78 34.61 -22.68
C TYR A 510 -7.26 33.17 -22.83
N PRO A 511 -8.34 32.98 -23.61
CA PRO A 511 -9.07 31.71 -23.71
C PRO A 511 -8.23 30.47 -23.99
N TYR A 512 -8.67 29.35 -23.42
CA TYR A 512 -8.07 28.05 -23.68
C TYR A 512 -8.15 27.72 -25.16
N SER A 513 -9.36 27.76 -25.73
CA SER A 513 -9.56 27.34 -27.12
C SER A 513 -10.21 28.43 -27.96
N ALA A 514 -9.38 29.18 -28.68
CA ALA A 514 -9.85 30.33 -29.47
C ALA A 514 -9.83 30.03 -30.97
N LEU A 515 -10.82 30.58 -31.69
CA LEU A 515 -10.95 30.46 -33.16
C LEU A 515 -10.54 31.74 -33.87
N HIS A 516 -10.73 31.78 -35.20
CA HIS A 516 -10.11 32.80 -36.04
C HIS A 516 -10.40 34.23 -35.60
N GLU A 517 -11.65 34.49 -35.23
CA GLU A 517 -12.00 35.81 -34.76
C GLU A 517 -11.15 36.25 -33.56
N ASP A 518 -10.87 35.31 -32.65
CA ASP A 518 -10.11 35.60 -31.41
C ASP A 518 -8.57 35.63 -31.55
N LYS A 519 -8.03 34.93 -32.55
CA LYS A 519 -6.67 35.17 -33.07
C LYS A 519 -5.53 35.27 -32.02
N ASP A 520 -4.73 36.33 -32.10
CA ASP A 520 -3.58 36.59 -31.24
C ASP A 520 -2.55 35.46 -31.30
N MET A 521 -2.25 35.04 -32.52
CA MET A 521 -1.39 33.87 -32.79
C MET A 521 -0.23 33.64 -31.81
N ASP A 522 0.46 34.69 -31.37
CA ASP A 522 1.57 34.51 -30.42
C ASP A 522 1.21 34.79 -28.96
N MET A 523 -0.07 35.03 -28.68
CA MET A 523 -0.61 34.90 -27.31
C MET A 523 -0.85 33.43 -26.99
N GLU A 524 -1.13 32.63 -28.03
CA GLU A 524 -1.27 31.17 -27.87
C GLU A 524 -0.07 30.52 -27.21
N LYS A 525 1.13 31.00 -27.54
CA LYS A 525 2.36 30.53 -26.88
C LYS A 525 2.29 30.81 -25.37
N LEU A 526 1.66 31.92 -25.01
CA LEU A 526 1.56 32.34 -23.62
C LEU A 526 0.54 31.55 -22.82
N LYS A 527 -0.56 31.13 -23.44
CA LYS A 527 -1.60 30.44 -22.66
C LYS A 527 -1.05 29.18 -22.03
N ASN A 528 -1.64 28.82 -20.91
CA ASN A 528 -1.20 27.69 -20.07
C ASN A 528 -0.16 28.15 -19.08
N ASN A 529 0.53 29.25 -19.40
CA ASN A 529 1.41 29.82 -18.40
C ASN A 529 0.53 30.20 -17.26
N ILE A 530 1.07 30.09 -16.06
CA ILE A 530 0.26 30.38 -14.90
C ILE A 530 -0.31 31.79 -15.01
N GLY A 531 0.47 32.71 -15.55
CA GLY A 531 0.04 34.10 -15.71
C GLY A 531 -1.25 34.31 -16.48
N ASN A 532 -1.66 33.33 -17.28
CA ASN A 532 -2.91 33.38 -18.04
C ASN A 532 -4.03 32.53 -17.38
N ILE A 533 -4.00 32.39 -16.05
CA ILE A 533 -4.87 31.47 -15.32
C ILE A 533 -5.38 32.10 -13.99
N VAL A 534 -6.71 32.10 -13.78
CA VAL A 534 -7.29 32.50 -12.48
C VAL A 534 -8.35 31.52 -11.97
N LEU A 535 -8.39 31.40 -10.64
CA LEU A 535 -9.51 30.75 -9.97
C LEU A 535 -10.77 31.57 -10.18
N LEU A 536 -11.76 31.04 -10.88
CA LEU A 536 -13.03 31.72 -10.94
C LEU A 536 -13.70 31.59 -9.61
N ASP A 537 -14.78 32.35 -9.44
CA ASP A 537 -15.56 32.30 -8.22
C ASP A 537 -16.51 31.09 -8.27
N PRO A 538 -16.48 30.23 -7.23
CA PRO A 538 -17.44 29.14 -7.24
C PRO A 538 -18.65 29.52 -6.44
N THR A 539 -18.60 30.69 -5.79
CA THR A 539 -19.75 31.28 -5.13
C THR A 539 -20.73 31.49 -6.25
N ARG A 540 -21.97 31.69 -5.87
CA ARG A 540 -23.06 31.39 -6.77
C ARG A 540 -22.80 31.79 -8.20
N ASN A 541 -21.97 32.80 -8.40
CA ASN A 541 -21.60 33.16 -9.74
C ASN A 541 -21.21 31.89 -10.52
N ASN A 542 -21.76 31.78 -11.72
CA ASN A 542 -21.69 30.56 -12.53
C ASN A 542 -20.85 30.83 -13.75
N LYS A 543 -19.83 30.00 -13.93
CA LYS A 543 -18.75 30.32 -14.85
C LYS A 543 -18.94 29.69 -16.21
N ASN A 544 -19.99 30.12 -16.91
CA ASN A 544 -20.23 29.64 -18.27
C ASN A 544 -19.59 30.57 -19.29
N ASP A 545 -18.27 30.70 -19.21
CA ASP A 545 -17.54 31.62 -20.08
C ASP A 545 -16.60 30.83 -21.03
N ASN A 546 -16.60 31.18 -22.32
CA ASN A 546 -15.67 30.61 -23.34
C ASN A 546 -14.95 31.69 -24.21
N LYS A 547 -15.35 32.95 -24.04
CA LYS A 547 -15.10 34.07 -24.98
C LYS A 547 -13.76 34.84 -24.73
N PRO A 548 -13.53 36.00 -25.39
CA PRO A 548 -12.32 36.77 -25.02
C PRO A 548 -12.49 37.63 -23.77
N PHE A 549 -11.38 38.23 -23.33
CA PHE A 549 -11.34 38.95 -22.06
C PHE A 549 -12.37 40.07 -22.03
N ILE A 550 -12.36 40.87 -23.08
CA ILE A 550 -13.31 41.97 -23.22
C ILE A 550 -14.75 41.49 -23.06
N ASP A 551 -15.06 40.34 -23.64
CA ASP A 551 -16.40 39.77 -23.58
C ASP A 551 -16.72 39.16 -22.22
N LYS A 552 -15.74 38.52 -21.59
CA LYS A 552 -15.99 37.72 -20.39
C LYS A 552 -15.71 38.46 -19.10
N LYS A 553 -15.63 39.78 -19.15
CA LYS A 553 -15.21 40.56 -17.99
C LYS A 553 -16.13 40.50 -16.75
N ASN A 554 -17.43 40.35 -16.96
CA ASN A 554 -18.37 40.22 -15.83
C ASN A 554 -17.96 39.15 -14.82
N SER A 555 -17.18 38.17 -15.28
CA SER A 555 -16.62 37.09 -14.45
C SER A 555 -15.84 37.58 -13.23
N PHE A 556 -15.25 38.78 -13.34
CA PHE A 556 -14.40 39.31 -12.27
C PHE A 556 -14.94 40.60 -11.64
N GLU A 557 -16.24 40.87 -11.77
CA GLU A 557 -16.79 42.17 -11.41
C GLU A 557 -16.64 42.52 -9.93
N ASN A 558 -17.20 41.71 -9.06
CA ASN A 558 -17.26 42.07 -7.65
C ASN A 558 -17.47 40.83 -6.87
N THR A 559 -16.44 40.00 -6.85
CA THR A 559 -16.57 38.63 -6.43
C THR A 559 -15.69 38.37 -5.24
N GLY A 560 -15.94 37.24 -4.60
CA GLY A 560 -15.23 36.84 -3.40
C GLY A 560 -13.73 36.63 -3.54
N ILE A 561 -13.18 36.54 -4.75
CA ILE A 561 -11.74 36.23 -4.87
C ILE A 561 -10.80 37.43 -5.17
N GLY A 562 -9.93 37.70 -4.21
CA GLY A 562 -8.97 38.80 -4.20
C GLY A 562 -8.34 39.29 -5.50
N ILE A 563 -7.71 38.39 -6.26
CA ILE A 563 -7.02 38.81 -7.50
C ILE A 563 -7.99 39.25 -8.61
N HIS A 564 -9.29 39.05 -8.42
CA HIS A 564 -10.27 39.43 -9.44
C HIS A 564 -10.34 40.95 -9.60
N SER A 565 -10.13 41.68 -8.51
CA SER A 565 -10.13 43.15 -8.55
C SER A 565 -9.31 43.67 -9.73
N TRP A 566 -8.00 43.45 -9.66
CA TRP A 566 -7.05 43.98 -10.63
C TRP A 566 -7.25 43.40 -12.04
N ILE A 567 -7.91 42.25 -12.15
CA ILE A 567 -8.23 41.64 -13.45
C ILE A 567 -9.33 42.40 -14.16
N TYR A 568 -10.25 42.97 -13.38
CA TYR A 568 -11.31 43.83 -13.89
C TYR A 568 -10.72 45.13 -14.46
N GLU A 569 -9.87 45.79 -13.65
CA GLU A 569 -9.16 47.03 -14.00
C GLU A 569 -8.52 47.08 -15.39
N GLN A 570 -8.10 45.93 -15.87
CA GLN A 570 -7.45 45.85 -17.16
C GLN A 570 -8.46 46.15 -18.25
N LYS A 571 -8.13 47.10 -19.13
CA LYS A 571 -8.93 47.35 -20.32
C LYS A 571 -8.69 46.22 -21.33
N GLU A 572 -7.46 45.70 -21.32
CA GLU A 572 -7.12 44.52 -22.13
C GLU A 572 -6.05 43.64 -21.48
N TRP A 573 -5.95 42.42 -22.00
CA TRP A 573 -5.04 41.39 -21.46
C TRP A 573 -3.99 41.11 -22.52
N THR A 574 -2.74 41.38 -22.18
CA THR A 574 -1.65 41.32 -23.13
C THR A 574 -0.54 40.42 -22.60
N GLU A 575 0.48 40.21 -23.42
CA GLU A 575 1.68 39.56 -22.93
C GLU A 575 2.15 40.15 -21.60
N GLU A 576 2.13 41.47 -21.48
CA GLU A 576 2.63 42.13 -20.27
C GLU A 576 1.78 41.82 -19.05
N SER A 577 0.45 41.86 -19.17
CA SER A 577 -0.43 41.56 -18.03
C SER A 577 -0.23 40.12 -17.52
N VAL A 578 0.12 39.18 -18.41
CA VAL A 578 0.48 37.81 -18.01
C VAL A 578 1.69 37.85 -17.05
N LYS A 579 2.69 38.66 -17.39
CA LYS A 579 3.89 38.78 -16.57
C LYS A 579 3.55 39.43 -15.23
N LYS A 580 2.56 40.32 -15.25
CA LYS A 580 2.17 41.09 -14.06
C LYS A 580 1.42 40.24 -13.03
N LEU A 581 0.72 39.21 -13.51
CA LEU A 581 0.01 38.30 -12.62
C LEU A 581 0.97 37.25 -12.06
N THR A 582 1.70 36.61 -12.98
CA THR A 582 2.76 35.67 -12.63
C THR A 582 3.55 36.14 -11.40
N GLU A 583 3.94 37.41 -11.38
CA GLU A 583 4.72 37.94 -10.27
C GLU A 583 3.87 38.12 -9.01
N THR A 584 2.62 38.55 -9.20
CA THR A 584 1.67 38.64 -8.07
C THR A 584 1.48 37.27 -7.42
N TYR A 585 1.30 36.24 -8.26
CA TYR A 585 1.25 34.85 -7.79
C TYR A 585 2.58 34.50 -7.09
N VAL A 586 3.66 34.49 -7.86
CA VAL A 586 5.00 34.22 -7.32
C VAL A 586 5.29 34.97 -5.99
N ASP A 587 4.77 36.18 -5.84
CA ASP A 587 5.01 36.98 -4.63
C ASP A 587 4.30 36.41 -3.42
N ALA A 588 2.96 36.42 -3.49
CA ALA A 588 2.13 35.93 -2.41
C ALA A 588 2.45 34.46 -2.15
N ALA A 589 2.74 33.71 -3.21
CA ALA A 589 3.22 32.33 -3.08
C ALA A 589 4.29 32.28 -1.99
N VAL A 590 5.31 33.11 -2.14
CA VAL A 590 6.43 33.15 -1.20
C VAL A 590 5.98 33.61 0.22
N LYS A 591 5.30 34.75 0.31
CA LYS A 591 4.85 35.26 1.62
C LYS A 591 3.89 34.27 2.32
N VAL A 592 3.01 33.65 1.53
CA VAL A 592 1.98 32.76 2.05
C VAL A 592 2.48 31.33 2.32
N PHE A 593 3.51 30.86 1.62
CA PHE A 593 4.08 29.53 1.93
C PHE A 593 5.38 29.58 2.76
N SER A 594 5.74 30.77 3.24
CA SER A 594 6.86 30.94 4.15
C SER A 594 6.36 30.89 5.58
N PHE A 595 7.26 30.68 6.53
CA PHE A 595 6.87 30.44 7.93
C PHE A 595 7.64 31.34 8.92
N SER A 596 7.14 32.57 9.09
CA SER A 596 7.72 33.63 9.94
C SER A 596 8.74 34.46 9.17
N VAL B 3 19.47 -30.16 15.14
CA VAL B 3 18.80 -29.01 15.83
C VAL B 3 19.50 -27.64 15.66
N LYS B 4 20.68 -27.63 15.05
CA LYS B 4 21.44 -26.40 14.84
C LYS B 4 21.23 -25.93 13.40
N PRO B 5 20.85 -24.65 13.19
CA PRO B 5 20.65 -24.20 11.82
C PRO B 5 21.84 -23.41 11.30
N GLU B 6 22.06 -23.48 9.99
CA GLU B 6 23.21 -22.84 9.35
C GLU B 6 23.00 -21.33 9.11
N TYR B 7 24.08 -20.58 9.27
CA TYR B 7 24.16 -19.18 8.88
C TYR B 7 25.55 -18.97 8.28
N MET B 8 25.81 -17.79 7.74
CA MET B 8 27.19 -17.41 7.48
C MET B 8 27.35 -15.89 7.65
N SER B 9 28.53 -15.46 8.05
CA SER B 9 28.80 -14.05 8.28
C SER B 9 29.14 -13.35 6.97
N PHE B 10 29.11 -12.03 7.00
CA PHE B 10 29.43 -11.25 5.82
C PHE B 10 30.90 -11.43 5.44
N GLY B 11 31.73 -11.65 6.46
CA GLY B 11 33.14 -11.96 6.27
C GLY B 11 33.38 -13.29 5.59
N GLU B 12 32.73 -14.35 6.07
CA GLU B 12 32.86 -15.69 5.47
C GLU B 12 32.49 -15.62 3.99
N LEU B 13 31.39 -14.93 3.72
CA LEU B 13 30.94 -14.64 2.37
C LEU B 13 32.09 -14.16 1.56
N PHE B 14 32.83 -13.21 2.12
CA PHE B 14 33.94 -12.60 1.40
C PHE B 14 35.26 -13.35 1.53
N LYS B 15 35.44 -14.18 2.57
CA LYS B 15 36.63 -15.02 2.66
C LYS B 15 36.72 -16.03 1.52
N ASN B 16 35.60 -16.63 1.14
CA ASN B 16 35.55 -17.53 -0.02
C ASN B 16 35.81 -16.75 -1.31
N SER B 17 35.98 -17.46 -2.42
CA SER B 17 36.41 -16.83 -3.68
C SER B 17 35.22 -16.39 -4.55
N ASN B 18 34.25 -15.74 -3.91
CA ASN B 18 33.03 -15.19 -4.54
C ASN B 18 33.19 -13.98 -5.46
N ILE B 19 32.35 -13.91 -6.51
CA ILE B 19 32.24 -12.73 -7.37
C ILE B 19 30.76 -12.45 -7.60
N PHE B 20 30.26 -11.46 -6.87
CA PHE B 20 28.83 -11.15 -6.87
C PHE B 20 28.47 -10.17 -8.00
N TYR B 21 27.41 -10.49 -8.74
CA TYR B 21 26.88 -9.59 -9.76
C TYR B 21 25.34 -9.52 -9.79
N THR B 22 24.81 -8.37 -10.19
CA THR B 22 23.36 -8.15 -10.28
C THR B 22 22.79 -8.64 -11.61
N PRO B 23 21.48 -8.85 -11.68
CA PRO B 23 20.90 -9.23 -12.97
C PRO B 23 20.86 -8.04 -13.91
N THR B 24 20.64 -8.33 -15.19
CA THR B 24 20.42 -7.29 -16.19
C THR B 24 19.13 -6.56 -15.83
N TYR B 25 19.16 -5.23 -15.85
CA TYR B 25 18.02 -4.38 -15.49
C TYR B 25 17.82 -4.19 -13.97
N GLN B 26 18.79 -4.64 -13.17
CA GLN B 26 18.79 -4.40 -11.72
C GLN B 26 18.54 -2.92 -11.43
N ARG B 27 17.59 -2.65 -10.54
CA ARG B 27 17.08 -1.31 -10.24
C ARG B 27 18.10 -0.42 -9.53
N ASP B 28 17.93 0.89 -9.63
CA ASP B 28 18.92 1.79 -9.10
C ASP B 28 19.03 1.71 -7.60
N TYR B 29 20.24 1.95 -7.09
CA TYR B 29 20.51 1.94 -5.65
C TYR B 29 19.50 2.85 -4.93
N SER B 30 18.89 2.36 -3.85
CA SER B 30 17.70 3.02 -3.27
C SER B 30 17.74 3.30 -1.76
N TRP B 31 18.79 2.91 -1.05
CA TRP B 31 18.86 3.16 0.39
C TRP B 31 19.03 4.65 0.67
N GLU B 32 18.38 5.14 1.72
CA GLU B 32 18.45 6.55 2.13
C GLU B 32 18.80 6.65 3.60
N ASP B 33 18.97 7.87 4.10
CA ASP B 33 19.46 8.10 5.46
C ASP B 33 18.85 7.25 6.59
N GLU B 34 17.64 6.69 6.40
CA GLU B 34 17.03 5.86 7.45
C GLU B 34 17.59 4.43 7.40
N GLN B 35 17.98 3.97 6.21
CA GLN B 35 18.64 2.66 6.02
C GLN B 35 20.06 2.69 6.59
N ILE B 36 20.78 3.77 6.30
CA ILE B 36 22.17 3.91 6.69
C ILE B 36 22.30 4.27 8.19
N GLU B 37 21.51 5.24 8.67
CA GLU B 37 21.46 5.52 10.13
C GLU B 37 21.17 4.24 10.96
N GLN B 38 20.52 3.25 10.36
CA GLN B 38 20.29 1.94 11.01
C GLN B 38 21.53 1.04 10.92
N PHE B 39 22.13 0.96 9.72
CA PHE B 39 23.38 0.22 9.48
C PHE B 39 24.42 0.57 10.54
N CYS B 40 24.51 1.87 10.81
CA CYS B 40 25.43 2.41 11.79
C CYS B 40 25.02 2.12 13.24
N ASN B 41 23.79 2.47 13.62
CA ASN B 41 23.27 2.17 14.98
C ASN B 41 23.34 0.68 15.31
N ASP B 42 23.27 -0.16 14.27
CA ASP B 42 23.51 -1.60 14.42
C ASP B 42 24.93 -1.88 14.88
N ILE B 43 25.89 -1.22 14.25
CA ILE B 43 27.30 -1.37 14.62
C ILE B 43 27.60 -0.98 16.09
N GLN B 44 27.09 0.17 16.54
CA GLN B 44 27.41 0.70 17.88
C GLN B 44 26.77 -0.07 19.02
N ASP B 45 25.55 -0.55 18.81
CA ASP B 45 24.85 -1.34 19.83
C ASP B 45 25.66 -2.63 20.06
N ALA B 46 26.10 -3.25 18.97
CA ALA B 46 26.94 -4.43 19.04
C ALA B 46 28.27 -4.11 19.73
N LEU B 47 28.82 -2.92 19.44
CA LEU B 47 30.01 -2.41 20.12
C LEU B 47 29.75 -2.13 21.61
N VAL B 48 28.60 -1.55 21.92
CA VAL B 48 28.21 -1.31 23.32
C VAL B 48 27.89 -2.64 24.06
N LYS B 49 27.27 -3.60 23.36
CA LYS B 49 27.01 -4.94 23.92
C LYS B 49 28.29 -5.80 24.00
N LYS B 50 29.35 -5.42 23.28
CA LYS B 50 30.64 -6.12 23.39
C LYS B 50 31.25 -5.91 24.78
N LYS B 51 31.00 -4.74 25.37
CA LYS B 51 31.55 -4.38 26.69
C LYS B 51 30.94 -5.17 27.87
N SER B 52 29.95 -6.02 27.60
CA SER B 52 29.40 -6.93 28.61
C SER B 52 29.10 -8.33 27.99
N LYS B 53 27.98 -8.45 27.29
CA LYS B 53 27.45 -9.73 26.78
C LYS B 53 27.87 -10.00 25.30
N LYS B 54 27.09 -10.84 24.60
CA LYS B 54 27.33 -11.22 23.20
C LYS B 54 26.73 -10.19 22.24
N SER B 55 27.22 -10.19 21.02
CA SER B 55 26.90 -9.13 20.07
C SER B 55 26.39 -9.66 18.72
N CYS B 56 25.74 -10.82 18.77
CA CYS B 56 25.29 -11.52 17.56
C CYS B 56 24.13 -10.78 16.91
N GLU B 57 24.01 -10.86 15.58
CA GLU B 57 22.97 -10.10 14.85
C GLU B 57 22.76 -10.50 13.36
N HIS B 58 21.59 -11.09 13.07
CA HIS B 58 21.24 -11.69 11.76
C HIS B 58 20.70 -10.70 10.72
N PHE B 59 21.60 -10.06 9.98
CA PHE B 59 21.22 -8.97 9.13
C PHE B 59 20.92 -9.40 7.73
N PHE B 60 19.78 -8.94 7.22
CA PHE B 60 19.45 -9.17 5.83
C PHE B 60 19.53 -10.65 5.59
N GLY B 61 19.13 -11.42 6.59
CA GLY B 61 19.14 -12.86 6.41
C GLY B 61 18.54 -13.09 5.05
N GLY B 62 19.24 -13.85 4.23
CA GLY B 62 18.69 -14.20 2.96
C GLY B 62 19.33 -13.35 1.91
N VAL B 63 20.59 -13.67 1.64
CA VAL B 63 21.23 -13.27 0.42
C VAL B 63 20.86 -14.40 -0.55
N VAL B 64 20.30 -14.05 -1.71
CA VAL B 64 19.72 -15.03 -2.61
C VAL B 64 20.34 -14.92 -3.98
N CYS B 65 21.16 -15.91 -4.30
CA CYS B 65 21.83 -15.98 -5.60
C CYS B 65 21.05 -16.92 -6.49
N ALA B 66 21.31 -16.82 -7.79
CA ALA B 66 20.46 -17.46 -8.81
C ALA B 66 21.13 -18.62 -9.54
N GLN B 67 22.43 -18.54 -9.72
CA GLN B 67 23.20 -19.67 -10.25
C GLN B 67 24.65 -19.50 -9.85
N GLU B 68 25.42 -20.59 -9.94
CA GLU B 68 26.83 -20.54 -9.55
C GLU B 68 27.73 -21.30 -10.53
N LYS B 69 28.92 -20.75 -10.75
CA LYS B 69 29.92 -21.36 -11.64
C LYS B 69 31.32 -21.20 -11.07
N THR B 70 31.94 -22.34 -10.72
CA THR B 70 33.32 -22.37 -10.26
C THR B 70 34.26 -23.08 -11.27
N PHE B 71 33.70 -23.99 -12.07
CA PHE B 71 34.44 -24.76 -13.07
C PHE B 71 35.16 -23.85 -14.06
N GLY B 72 34.42 -22.90 -14.60
CA GLY B 72 34.97 -21.86 -15.46
C GLY B 72 34.40 -20.52 -15.03
N GLY B 73 35.23 -19.71 -14.39
CA GLY B 73 34.78 -18.43 -13.85
C GLY B 73 35.54 -17.24 -14.39
N HIS B 74 34.92 -16.07 -14.24
CA HIS B 74 35.58 -14.78 -14.47
C HIS B 74 36.58 -14.63 -13.33
N ARG B 75 36.14 -15.01 -12.14
CA ARG B 75 37.03 -15.38 -11.03
C ARG B 75 36.55 -16.74 -10.51
N ARG B 76 37.21 -17.28 -9.49
CA ARG B 76 36.94 -18.66 -9.05
C ARG B 76 35.44 -19.01 -9.01
N ILE B 77 34.67 -18.36 -8.11
CA ILE B 77 33.23 -18.62 -7.95
C ILE B 77 32.41 -17.37 -8.28
N GLU B 78 31.49 -17.48 -9.24
CA GLU B 78 30.63 -16.35 -9.64
C GLU B 78 29.19 -16.51 -9.11
N ASN B 79 28.59 -15.42 -8.64
CA ASN B 79 27.24 -15.44 -8.04
C ASN B 79 26.30 -14.37 -8.60
N LEU B 80 25.18 -14.80 -9.18
CA LEU B 80 24.12 -13.88 -9.61
C LEU B 80 23.15 -13.49 -8.46
N LEU B 81 23.37 -12.32 -7.86
CA LEU B 81 22.55 -11.83 -6.75
C LEU B 81 21.19 -11.28 -7.18
N VAL B 82 20.12 -11.86 -6.64
CA VAL B 82 18.78 -11.37 -6.90
C VAL B 82 18.17 -10.72 -5.66
N ASP B 83 18.87 -10.80 -4.53
CA ASP B 83 18.44 -10.11 -3.32
C ASP B 83 19.58 -10.14 -2.31
N GLY B 84 20.05 -8.96 -1.93
CA GLY B 84 21.22 -8.85 -1.03
C GLY B 84 22.16 -7.75 -1.45
N GLN B 85 22.38 -7.65 -2.76
CA GLN B 85 23.19 -6.60 -3.37
C GLN B 85 23.29 -5.30 -2.56
N GLN B 86 22.15 -4.70 -2.27
CA GLN B 86 22.15 -3.38 -1.66
C GLN B 86 22.80 -3.37 -0.27
N ARG B 87 22.55 -4.42 0.50
CA ARG B 87 23.19 -4.60 1.82
C ARG B 87 24.69 -4.82 1.68
N LEU B 88 25.08 -5.72 0.77
CA LEU B 88 26.48 -6.06 0.57
C LEU B 88 27.27 -4.90 -0.01
N SER B 89 26.60 -4.11 -0.86
CA SER B 89 27.22 -2.96 -1.51
C SER B 89 27.59 -1.83 -0.52
N THR B 90 26.76 -1.61 0.50
CA THR B 90 27.02 -0.54 1.49
C THR B 90 27.86 -1.03 2.66
N ILE B 91 28.32 -2.28 2.57
CA ILE B 91 29.43 -2.81 3.38
C ILE B 91 30.74 -2.45 2.67
N VAL B 92 30.88 -2.87 1.39
CA VAL B 92 32.01 -2.43 0.55
C VAL B 92 32.23 -0.91 0.63
N LEU B 93 31.13 -0.17 0.59
CA LEU B 93 31.15 1.28 0.77
C LEU B 93 31.69 1.58 2.15
N PHE B 94 31.00 1.09 3.17
CA PHE B 94 31.37 1.40 4.56
C PHE B 94 32.80 1.00 4.98
N PHE B 95 33.36 -0.07 4.42
CA PHE B 95 34.78 -0.42 4.69
C PHE B 95 35.72 0.58 4.01
N SER B 96 35.41 0.90 2.74
CA SER B 96 36.16 1.92 1.98
C SER B 96 36.31 3.21 2.79
N VAL B 97 35.26 3.54 3.57
CA VAL B 97 35.25 4.69 4.53
C VAL B 97 36.16 4.47 5.75
N ILE B 98 36.19 3.25 6.31
CA ILE B 98 37.11 2.92 7.41
C ILE B 98 38.56 3.01 6.92
N ARG B 99 38.78 2.50 5.70
CA ARG B 99 40.10 2.47 5.05
C ARG B 99 40.70 3.86 4.83
N ASN B 100 39.85 4.86 4.58
CA ASN B 100 40.32 6.24 4.42
C ASN B 100 40.45 6.99 5.74
N VAL B 101 39.76 6.47 6.77
CA VAL B 101 39.91 6.96 8.14
C VAL B 101 41.14 6.37 8.87
N ILE B 102 41.65 5.23 8.41
CA ILE B 102 43.01 4.80 8.78
C ILE B 102 44.08 5.45 7.88
N ASN B 103 43.65 6.35 6.98
CA ASN B 103 44.56 7.32 6.32
C ASN B 103 44.52 8.68 7.08
N SER B 104 44.80 8.60 8.37
CA SER B 104 44.79 9.75 9.27
C SER B 104 46.15 10.02 9.90
N LEU B 105 46.82 8.95 10.36
CA LEU B 105 48.02 9.04 11.20
C LEU B 105 49.22 8.34 10.55
N ASN B 106 49.97 9.10 9.75
CA ASN B 106 50.98 8.56 8.86
C ASN B 106 52.33 8.32 9.58
N CYS B 107 52.82 7.08 9.53
CA CYS B 107 54.07 6.65 10.19
C CYS B 107 54.03 6.68 11.73
N GLU B 108 52.86 6.95 12.30
CA GLU B 108 52.76 7.38 13.70
C GLU B 108 53.06 6.29 14.74
N GLU B 109 54.23 6.41 15.38
CA GLU B 109 54.64 5.64 16.57
C GLU B 109 54.35 4.12 16.56
N ASP B 110 55.01 3.41 15.63
CA ASP B 110 55.06 1.95 15.63
C ASP B 110 53.68 1.24 15.58
N LYS B 111 52.75 1.82 14.82
CA LYS B 111 51.44 1.22 14.59
C LYS B 111 51.06 1.16 13.11
N ASP B 112 51.89 1.69 12.22
CA ASP B 112 51.55 1.78 10.80
C ASP B 112 51.73 0.44 10.09
N SER B 113 52.94 -0.10 10.20
CA SER B 113 53.24 -1.43 9.68
C SER B 113 52.71 -2.52 10.63
N GLU B 114 52.33 -2.13 11.84
CA GLU B 114 51.83 -3.07 12.87
C GLU B 114 50.31 -3.22 12.84
N TYR B 115 49.61 -2.10 12.99
CA TYR B 115 48.15 -2.13 13.16
C TYR B 115 47.37 -1.55 11.96
N ARG B 116 48.03 -0.79 11.08
CA ARG B 116 47.35 -0.13 9.95
C ARG B 116 47.59 -0.89 8.65
N GLY B 117 48.83 -1.32 8.41
CA GLY B 117 49.13 -2.16 7.25
C GLY B 117 48.41 -3.50 7.36
N MET B 118 48.29 -3.99 8.60
CA MET B 118 47.64 -5.27 8.89
C MET B 118 46.14 -5.18 8.67
N ILE B 119 45.48 -4.27 9.38
CA ILE B 119 44.03 -4.09 9.27
C ILE B 119 43.64 -3.72 7.83
N LEU B 120 44.51 -3.03 7.10
CA LEU B 120 44.30 -2.83 5.67
C LEU B 120 44.15 -4.17 4.95
N LYS B 121 45.05 -5.11 5.21
CA LYS B 121 45.09 -6.40 4.48
C LYS B 121 44.05 -7.43 4.95
N ASP B 122 43.84 -7.49 6.26
CA ASP B 122 42.71 -8.23 6.85
C ASP B 122 41.33 -7.80 6.25
N ILE B 123 41.24 -6.54 5.80
CA ILE B 123 40.02 -5.95 5.20
C ILE B 123 40.13 -5.72 3.68
N TYR B 124 41.32 -5.93 3.12
CA TYR B 124 41.52 -5.80 1.68
C TYR B 124 40.42 -6.56 0.92
N LYS B 125 39.93 -7.64 1.53
CA LYS B 125 39.06 -8.61 0.85
C LYS B 125 37.74 -8.05 0.28
N TYR B 126 37.14 -7.02 0.90
CA TYR B 126 35.83 -6.52 0.40
C TYR B 126 35.97 -5.74 -0.89
N PHE B 127 37.17 -5.23 -1.17
CA PHE B 127 37.41 -4.39 -2.36
C PHE B 127 37.83 -5.20 -3.59
N TYR B 128 38.80 -6.11 -3.40
CA TYR B 128 39.39 -6.86 -4.50
C TYR B 128 39.64 -8.31 -4.11
N LEU B 129 39.47 -9.23 -5.08
CA LEU B 129 39.87 -10.65 -4.96
C LEU B 129 41.04 -10.97 -5.89
N ASP B 130 42.22 -11.16 -5.28
CA ASP B 130 43.46 -11.47 -5.99
C ASP B 130 43.37 -12.76 -6.77
N GLU B 131 43.21 -12.62 -8.09
CA GLU B 131 43.26 -13.75 -8.99
C GLU B 131 44.70 -13.80 -9.50
N ARG B 132 45.48 -14.79 -9.05
CA ARG B 132 46.92 -14.85 -9.35
C ARG B 132 47.20 -15.25 -10.80
N GLU B 133 46.41 -16.21 -11.30
CA GLU B 133 46.32 -16.48 -12.74
C GLU B 133 47.59 -17.04 -13.39
N ASN B 134 47.58 -17.09 -14.72
CA ASN B 134 48.61 -17.78 -15.48
C ASN B 134 49.96 -17.08 -15.43
N ARG B 135 49.96 -15.75 -15.58
CA ARG B 135 51.20 -14.95 -15.55
C ARG B 135 51.07 -13.71 -14.66
N GLU B 136 50.07 -12.90 -14.99
CA GLU B 136 49.80 -11.59 -14.41
C GLU B 136 48.68 -11.64 -13.34
N ILE B 137 48.97 -11.11 -12.15
CA ILE B 137 47.97 -11.03 -11.07
C ILE B 137 46.81 -10.18 -11.58
N LYS B 138 45.59 -10.72 -11.52
CA LYS B 138 44.38 -10.01 -11.94
C LYS B 138 43.35 -9.93 -10.80
N LYS B 139 43.49 -8.92 -9.94
CA LYS B 139 42.54 -8.71 -8.83
C LYS B 139 41.26 -7.97 -9.33
N HIS B 140 40.10 -8.59 -9.13
CA HIS B 140 38.81 -8.01 -9.54
C HIS B 140 38.02 -7.59 -8.32
N VAL B 141 37.11 -6.64 -8.54
CA VAL B 141 36.22 -6.13 -7.50
C VAL B 141 35.15 -7.15 -7.13
N ARG B 142 34.85 -7.23 -5.84
CA ARG B 142 34.09 -8.33 -5.29
C ARG B 142 32.58 -8.10 -5.25
N ILE B 143 32.12 -6.95 -5.76
CA ILE B 143 30.70 -6.63 -5.79
C ILE B 143 30.42 -5.78 -7.03
N THR B 144 29.45 -6.20 -7.83
CA THR B 144 29.02 -5.39 -8.97
C THR B 144 27.51 -5.18 -8.91
N ILE B 145 27.08 -3.93 -9.13
CA ILE B 145 25.68 -3.52 -8.95
C ILE B 145 24.98 -2.92 -10.18
N GLY B 146 24.94 -3.65 -11.29
CA GLY B 146 24.08 -3.28 -12.42
C GLY B 146 24.41 -1.92 -13.02
N ASN B 147 23.97 -1.72 -14.26
CA ASN B 147 24.62 -0.76 -15.17
C ASN B 147 24.66 0.72 -14.68
N ALA B 148 23.53 1.24 -14.22
CA ALA B 148 23.42 2.66 -13.86
C ALA B 148 24.49 3.14 -12.87
N ASP B 149 24.62 2.45 -11.75
CA ASP B 149 25.51 2.89 -10.67
C ASP B 149 26.97 2.41 -10.82
N ASN B 150 27.14 1.14 -11.15
CA ASN B 150 28.47 0.49 -11.09
C ASN B 150 29.65 1.38 -11.50
N GLU B 151 29.46 2.15 -12.57
CA GLU B 151 30.46 3.12 -13.01
C GLU B 151 30.83 4.06 -11.86
N PHE B 152 29.83 4.81 -11.39
CA PHE B 152 29.99 5.79 -10.29
C PHE B 152 30.39 5.12 -8.96
N TYR B 153 29.82 3.95 -8.69
CA TYR B 153 30.07 3.22 -7.45
C TYR B 153 31.50 2.74 -7.32
N GLN B 154 32.04 2.18 -8.40
CA GLN B 154 33.34 1.58 -8.33
C GLN B 154 34.32 2.66 -7.97
N SER B 155 34.07 3.83 -8.55
CA SER B 155 34.91 4.98 -8.34
C SER B 155 34.92 5.45 -6.90
N LEU B 156 33.76 5.45 -6.26
CA LEU B 156 33.63 5.94 -4.89
C LEU B 156 34.42 5.15 -3.86
N ILE B 157 34.39 3.82 -3.96
CA ILE B 157 35.08 2.97 -3.01
C ILE B 157 36.57 3.20 -3.07
N ASP B 158 37.05 3.42 -4.29
CA ASP B 158 38.45 3.68 -4.54
C ASP B 158 38.86 4.94 -3.83
N ASP B 159 37.89 5.81 -3.55
CA ASP B 159 38.15 7.14 -3.02
C ASP B 159 38.53 8.12 -4.11
N ASN B 160 38.13 7.78 -5.35
CA ASN B 160 38.33 8.65 -6.49
C ASN B 160 36.97 8.84 -7.10
N PRO B 161 36.11 9.67 -6.36
CA PRO B 161 34.74 9.71 -6.88
C PRO B 161 34.49 10.51 -8.16
N LEU B 162 33.58 9.98 -8.97
CA LEU B 162 33.02 10.66 -10.14
C LEU B 162 31.94 11.63 -9.66
N LYS B 163 31.40 12.43 -10.57
CA LYS B 163 30.35 13.40 -10.17
C LYS B 163 28.97 12.93 -10.58
N GLY B 164 28.06 12.88 -9.62
CA GLY B 164 26.74 12.26 -9.81
C GLY B 164 25.92 12.77 -10.99
N THR B 165 25.18 11.87 -11.63
CA THR B 165 24.27 12.21 -12.71
C THR B 165 22.83 11.74 -12.41
N ARG B 166 22.68 10.91 -11.37
CA ARG B 166 21.38 10.34 -11.00
C ARG B 166 21.09 10.59 -9.53
N ASN B 167 19.83 10.45 -9.13
CA ASN B 167 19.50 10.56 -7.71
C ASN B 167 20.20 9.47 -6.86
N SER B 168 20.38 8.29 -7.44
CA SER B 168 21.06 7.16 -6.78
C SER B 168 22.49 7.53 -6.40
N HIS B 169 23.14 8.26 -7.30
CA HIS B 169 24.54 8.65 -7.14
C HIS B 169 24.72 9.50 -5.87
N GLU B 170 23.68 10.28 -5.54
CA GLU B 170 23.67 11.17 -4.37
C GLU B 170 23.53 10.35 -3.08
N LEU B 171 22.70 9.32 -3.14
CA LEU B 171 22.42 8.48 -1.97
C LEU B 171 23.67 7.79 -1.49
N MET B 172 24.41 7.18 -2.42
CA MET B 172 25.71 6.57 -2.09
C MET B 172 26.66 7.63 -1.56
N LEU B 173 26.67 8.79 -2.21
CA LEU B 173 27.53 9.89 -1.78
C LEU B 173 27.16 10.41 -0.39
N ARG B 174 25.87 10.38 -0.07
CA ARG B 174 25.42 10.71 1.29
C ARG B 174 25.84 9.61 2.27
N ALA B 175 25.64 8.35 1.88
CA ALA B 175 26.02 7.19 2.70
C ALA B 175 27.50 7.22 3.08
N ARG B 176 28.37 7.41 2.09
CA ARG B 176 29.77 7.62 2.37
C ARG B 176 29.94 8.71 3.41
N LYS B 177 29.33 9.87 3.16
CA LYS B 177 29.52 11.06 3.98
C LYS B 177 29.08 10.87 5.42
N LYS B 178 28.03 10.06 5.61
CA LYS B 178 27.50 9.77 6.95
C LYS B 178 28.36 8.73 7.68
N PHE B 179 28.96 7.80 6.94
CA PHE B 179 29.89 6.83 7.53
C PHE B 179 31.14 7.57 8.01
N ASN B 180 31.65 8.49 7.18
CA ASN B 180 32.73 9.37 7.59
C ASN B 180 32.48 9.93 8.98
N SER B 181 31.35 10.63 9.13
CA SER B 181 30.97 11.33 10.36
C SER B 181 30.84 10.39 11.57
N PHE B 182 30.26 9.22 11.34
CA PHE B 182 30.05 8.24 12.41
C PHE B 182 31.35 7.86 13.11
N ILE B 183 32.29 7.24 12.38
CA ILE B 183 33.56 6.79 13.00
C ILE B 183 34.35 7.94 13.63
N LYS B 184 34.48 9.07 12.95
CA LYS B 184 35.22 10.22 13.49
C LYS B 184 34.54 10.95 14.65
N ASP B 185 33.22 11.16 14.57
CA ASP B 185 32.52 12.02 15.55
C ASP B 185 31.76 11.24 16.63
N ASP B 186 31.12 10.14 16.27
CA ASP B 186 30.36 9.35 17.23
C ASP B 186 31.29 8.44 18.02
N LEU B 187 32.22 7.79 17.30
CA LEU B 187 33.04 6.71 17.86
C LEU B 187 34.41 7.16 18.35
N PHE B 188 35.20 7.75 17.46
CA PHE B 188 36.55 8.23 17.83
C PHE B 188 36.57 9.45 18.72
N LYS B 189 35.44 10.16 18.83
CA LYS B 189 35.33 11.38 19.65
C LYS B 189 36.12 11.25 20.95
N ASN B 190 37.15 12.09 21.09
CA ASN B 190 38.16 12.02 22.17
C ASN B 190 38.61 10.58 22.54
N ARG B 191 39.31 9.93 21.60
CA ARG B 191 39.94 8.63 21.82
C ARG B 191 41.40 8.65 21.37
N LYS B 192 42.29 8.25 22.28
CA LYS B 192 43.69 8.04 21.94
C LYS B 192 43.70 7.09 20.76
N ILE B 193 44.42 7.45 19.70
CA ILE B 193 44.39 6.66 18.46
C ILE B 193 44.67 5.15 18.68
N SER B 194 45.21 4.82 19.84
CA SER B 194 45.30 3.44 20.32
C SER B 194 43.91 2.87 20.57
N GLU B 195 43.07 3.66 21.24
CA GLU B 195 41.65 3.34 21.46
C GLU B 195 40.91 3.27 20.12
N CYS B 196 41.24 4.19 19.22
CA CYS B 196 40.56 4.28 17.93
C CYS B 196 40.79 3.05 17.08
N LEU B 197 42.05 2.67 16.87
CA LEU B 197 42.35 1.44 16.16
C LEU B 197 41.63 0.26 16.80
N GLU B 198 41.64 0.21 18.14
CA GLU B 198 40.95 -0.83 18.93
C GLU B 198 39.50 -1.06 18.55
N ILE B 199 38.78 0.00 18.17
CA ILE B 199 37.37 -0.17 17.74
C ILE B 199 37.27 -0.48 16.24
N ILE B 200 38.06 0.17 15.38
CA ILE B 200 38.11 -0.24 13.96
C ILE B 200 38.36 -1.76 13.89
N ASP B 201 39.27 -2.23 14.74
CA ASP B 201 39.64 -3.64 14.79
C ASP B 201 38.44 -4.47 15.24
N ASP B 202 37.84 -4.08 16.37
CA ASP B 202 36.63 -4.71 16.85
C ASP B 202 35.42 -4.60 15.89
N ILE B 203 35.49 -3.71 14.89
CA ILE B 203 34.47 -3.64 13.81
C ILE B 203 34.55 -4.88 12.93
N VAL B 204 35.74 -5.15 12.41
CA VAL B 204 35.97 -6.27 11.47
C VAL B 204 35.60 -7.61 12.08
N LYS B 205 35.86 -7.73 13.38
CA LYS B 205 35.55 -8.94 14.17
C LYS B 205 34.04 -9.26 14.21
N LEU B 206 33.20 -8.24 14.26
CA LEU B 206 31.73 -8.41 14.13
C LEU B 206 31.34 -8.91 12.73
N PHE B 207 31.85 -8.24 11.69
CA PHE B 207 31.62 -8.67 10.33
C PHE B 207 32.34 -9.98 10.00
N GLU B 208 32.95 -10.58 11.01
CA GLU B 208 33.59 -11.88 10.89
C GLU B 208 32.77 -12.92 11.62
N GLU B 209 32.35 -12.56 12.83
CA GLU B 209 31.76 -13.51 13.76
C GLU B 209 30.32 -13.22 14.14
N SER B 210 29.93 -11.94 14.20
CA SER B 210 28.66 -11.53 14.84
C SER B 210 27.51 -11.12 13.88
N PHE B 211 27.86 -10.72 12.65
CA PHE B 211 26.87 -10.26 11.68
C PHE B 211 26.62 -11.33 10.64
N LEU B 212 25.53 -12.08 10.84
CA LEU B 212 25.24 -13.28 10.05
C LEU B 212 24.14 -13.08 8.99
N VAL B 213 24.11 -13.98 8.03
CA VAL B 213 23.03 -14.03 7.05
C VAL B 213 22.74 -15.48 6.74
N ILE B 214 21.82 -15.72 5.81
CA ILE B 214 21.58 -17.06 5.28
C ILE B 214 21.71 -17.02 3.77
N HIS B 215 22.78 -17.62 3.28
CA HIS B 215 23.03 -17.70 1.84
C HIS B 215 22.10 -18.76 1.27
N ILE B 216 21.27 -18.38 0.32
CA ILE B 216 20.33 -19.29 -0.31
C ILE B 216 20.72 -19.34 -1.76
N VAL B 217 20.86 -20.54 -2.30
CA VAL B 217 21.14 -20.70 -3.72
C VAL B 217 19.94 -21.28 -4.43
N THR B 218 19.40 -20.50 -5.36
CA THR B 218 18.22 -20.90 -6.10
C THR B 218 18.61 -21.50 -7.46
N ASN B 219 17.58 -21.87 -8.22
CA ASN B 219 17.69 -22.66 -9.43
C ASN B 219 17.59 -21.79 -10.67
N SER B 220 16.83 -20.70 -10.55
CA SER B 220 16.61 -19.76 -11.65
C SER B 220 16.26 -18.38 -11.08
N ILE B 221 16.33 -17.34 -11.91
CA ILE B 221 15.91 -16.00 -11.45
C ILE B 221 14.44 -16.01 -11.02
N ASP B 222 13.56 -16.59 -11.86
CA ASP B 222 12.14 -16.73 -11.54
C ASP B 222 11.99 -17.27 -10.13
N ASP B 223 12.61 -18.43 -9.89
CA ASP B 223 12.54 -19.06 -8.60
C ASP B 223 13.04 -18.13 -7.49
N ALA B 224 14.16 -17.47 -7.71
CA ALA B 224 14.70 -16.56 -6.70
C ALA B 224 13.68 -15.48 -6.40
N TYR B 225 12.98 -15.04 -7.44
CA TYR B 225 11.92 -14.07 -7.30
C TYR B 225 10.67 -14.64 -6.60
N LYS B 226 10.26 -15.86 -6.97
CA LYS B 226 9.14 -16.51 -6.28
C LYS B 226 9.28 -16.45 -4.76
N LEU B 227 10.49 -16.56 -4.24
CA LEU B 227 10.73 -16.47 -2.78
C LEU B 227 10.39 -15.10 -2.20
N PHE B 228 10.19 -14.14 -3.10
CA PHE B 228 9.82 -12.77 -2.77
C PHE B 228 8.42 -12.46 -3.29
N THR B 229 7.67 -13.51 -3.55
CA THR B 229 6.33 -13.38 -4.08
C THR B 229 5.50 -12.59 -3.09
N VAL B 230 5.73 -12.85 -1.80
CA VAL B 230 4.96 -12.19 -0.77
C VAL B 230 5.74 -11.27 0.15
N LEU B 231 5.25 -10.05 0.29
CA LEU B 231 5.53 -9.13 1.40
C LEU B 231 6.96 -8.67 1.80
N ASN B 232 7.84 -8.39 0.84
CA ASN B 232 9.11 -7.73 1.21
C ASN B 232 9.25 -6.35 0.59
N ASP B 233 9.49 -5.35 1.44
CA ASP B 233 9.60 -3.97 0.98
C ASP B 233 10.80 -3.20 1.50
N ARG B 234 11.95 -3.42 0.91
CA ARG B 234 13.08 -2.49 1.04
C ARG B 234 14.13 -2.82 -0.01
N GLY B 235 14.74 -1.81 -0.61
CA GLY B 235 15.77 -2.03 -1.61
C GLY B 235 15.37 -3.10 -2.62
N ILE B 236 14.24 -2.87 -3.30
CA ILE B 236 13.79 -3.75 -4.37
C ILE B 236 14.76 -3.71 -5.52
N ASN B 237 15.27 -4.88 -5.91
CA ASN B 237 16.18 -5.01 -7.03
C ASN B 237 15.44 -5.36 -8.32
N LEU B 238 14.24 -5.93 -8.21
CA LEU B 238 13.45 -6.30 -9.39
C LEU B 238 11.95 -6.33 -9.12
N THR B 239 11.18 -6.13 -10.18
CA THR B 239 9.74 -6.33 -10.16
C THR B 239 9.40 -7.17 -11.38
N GLU B 240 8.11 -7.45 -11.57
CA GLU B 240 7.69 -8.26 -12.71
C GLU B 240 8.03 -7.51 -13.99
N GLY B 241 8.04 -6.18 -13.89
CA GLY B 241 8.32 -5.33 -15.03
C GLY B 241 9.67 -5.65 -15.60
N GLU B 242 10.71 -5.38 -14.83
CA GLU B 242 12.09 -5.68 -15.25
C GLU B 242 12.22 -7.12 -15.72
N LEU B 243 11.66 -8.07 -14.97
CA LEU B 243 11.69 -9.48 -15.38
C LEU B 243 11.03 -9.70 -16.74
N LEU B 244 9.95 -8.98 -17.00
CA LEU B 244 9.19 -9.17 -18.22
C LEU B 244 9.93 -8.58 -19.42
N LYS B 245 10.65 -7.47 -19.19
CA LYS B 245 11.47 -6.83 -20.22
C LYS B 245 12.49 -7.80 -20.85
N ALA B 246 13.19 -8.56 -20.02
CA ALA B 246 14.14 -9.59 -20.47
C ALA B 246 13.42 -10.65 -21.29
N HIS B 247 12.35 -11.18 -20.72
CA HIS B 247 11.62 -12.24 -21.37
C HIS B 247 11.06 -11.82 -22.72
N THR B 248 10.61 -10.58 -22.81
CA THR B 248 9.97 -10.09 -24.02
C THR B 248 11.03 -9.74 -25.08
N ILE B 249 12.13 -9.11 -24.67
CA ILE B 249 13.33 -8.91 -25.51
C ILE B 249 13.89 -10.23 -26.04
N GLY B 250 14.02 -11.22 -25.15
CA GLY B 250 14.53 -12.55 -25.53
C GLY B 250 13.78 -13.20 -26.67
N ILE B 251 12.50 -12.84 -26.81
CA ILE B 251 11.66 -13.31 -27.92
C ILE B 251 11.86 -12.45 -29.18
N CYS B 252 12.00 -11.14 -29.00
CA CYS B 252 12.09 -10.18 -30.12
C CYS B 252 13.54 -9.76 -30.40
N SER B 253 14.47 -10.70 -30.28
CA SER B 253 15.90 -10.38 -30.37
C SER B 253 16.38 -10.17 -31.80
N ASP B 254 16.17 -11.16 -32.67
CA ASP B 254 16.72 -11.12 -34.03
C ASP B 254 16.01 -10.14 -34.99
N ASN B 255 15.15 -9.26 -34.45
CA ASN B 255 14.66 -8.06 -35.17
C ASN B 255 14.85 -6.83 -34.27
N LEU B 256 16.06 -6.26 -34.31
CA LEU B 256 16.47 -5.11 -33.49
C LEU B 256 15.46 -3.96 -33.47
N SER B 257 14.74 -3.81 -34.58
CA SER B 257 13.65 -2.84 -34.67
C SER B 257 12.74 -2.90 -33.43
N HIS B 258 12.37 -4.12 -33.03
CA HIS B 258 11.51 -4.32 -31.88
C HIS B 258 12.28 -4.14 -30.58
N GLN B 259 13.47 -4.72 -30.49
CA GLN B 259 14.25 -4.63 -29.26
C GLN B 259 14.36 -3.19 -28.77
N ARG B 260 14.63 -2.26 -29.69
CA ARG B 260 14.77 -0.84 -29.31
C ARG B 260 13.45 -0.20 -28.89
N THR B 261 12.38 -0.44 -29.65
CA THR B 261 11.08 0.12 -29.29
C THR B 261 10.58 -0.51 -27.98
N ILE B 262 10.68 -1.84 -27.88
CA ILE B 262 10.41 -2.54 -26.64
C ILE B 262 11.21 -1.95 -25.47
N SER B 263 12.54 -2.07 -25.53
CA SER B 263 13.43 -1.66 -24.43
C SER B 263 13.09 -0.25 -23.89
N ASP B 264 12.71 0.65 -24.78
CA ASP B 264 12.43 2.04 -24.41
C ASP B 264 11.06 2.23 -23.74
N ASN B 265 10.10 1.38 -24.10
CA ASN B 265 8.76 1.39 -23.49
C ASN B 265 8.77 0.95 -22.04
N TRP B 266 9.29 -0.26 -21.83
CA TRP B 266 9.49 -0.76 -20.47
C TRP B 266 10.28 0.25 -19.69
N ASP B 267 11.28 0.87 -20.31
CA ASP B 267 12.06 1.90 -19.62
C ASP B 267 11.12 2.98 -19.13
N ALA B 268 10.22 3.40 -20.00
CA ALA B 268 9.21 4.39 -19.64
C ALA B 268 8.31 3.86 -18.53
N ILE B 269 7.85 2.63 -18.71
CA ILE B 269 7.02 1.93 -17.71
C ILE B 269 7.78 1.91 -16.37
N LEU B 270 8.99 1.39 -16.41
CA LEU B 270 9.78 1.15 -15.19
C LEU B 270 10.26 2.44 -14.53
N LYS B 271 9.96 3.60 -15.12
CA LYS B 271 10.17 4.88 -14.43
C LYS B 271 9.41 4.86 -13.11
N HIS B 272 8.20 4.32 -13.11
CA HIS B 272 7.31 4.39 -11.95
C HIS B 272 7.77 3.48 -10.83
N PRO B 273 7.46 3.84 -9.58
CA PRO B 273 7.94 3.09 -8.40
C PRO B 273 7.30 1.71 -8.32
N SER B 274 8.07 0.75 -7.85
CA SER B 274 7.77 -0.67 -8.06
C SER B 274 6.33 -1.10 -7.77
N LYS B 275 5.71 -0.56 -6.70
CA LYS B 275 4.34 -0.96 -6.32
C LYS B 275 3.38 -0.64 -7.44
N LYS B 276 3.43 0.60 -7.91
CA LYS B 276 2.61 1.06 -9.04
C LYS B 276 2.81 0.15 -10.25
N VAL B 277 4.05 -0.26 -10.46
CA VAL B 277 4.36 -1.10 -11.59
C VAL B 277 3.66 -2.46 -11.46
N THR B 278 3.89 -3.18 -10.36
CA THR B 278 3.27 -4.50 -10.21
C THR B 278 1.72 -4.41 -10.13
N ASP B 279 1.19 -3.35 -9.50
CA ASP B 279 -0.27 -3.12 -9.47
C ASP B 279 -0.80 -2.87 -10.88
N TYR B 280 -0.20 -1.92 -11.60
CA TYR B 280 -0.62 -1.65 -12.98
C TYR B 280 -0.55 -2.94 -13.82
N LEU B 281 0.51 -3.72 -13.64
CA LEU B 281 0.71 -4.91 -14.48
C LEU B 281 -0.39 -5.95 -14.30
N ARG B 282 -0.85 -6.09 -13.05
CA ARG B 282 -1.93 -7.01 -12.74
C ARG B 282 -3.24 -6.51 -13.37
N TRP B 283 -3.60 -5.25 -13.12
CA TRP B 283 -4.87 -4.72 -13.58
C TRP B 283 -5.02 -4.79 -15.09
N ILE B 284 -3.89 -4.75 -15.79
CA ILE B 284 -3.89 -4.86 -17.25
C ILE B 284 -4.05 -6.31 -17.66
N LEU B 285 -3.27 -7.19 -17.06
CA LEU B 285 -3.42 -8.60 -17.33
C LEU B 285 -4.91 -9.01 -17.15
N ILE B 286 -5.49 -8.62 -16.03
CA ILE B 286 -6.91 -8.89 -15.74
C ILE B 286 -7.80 -8.42 -16.89
N MET B 287 -7.55 -7.21 -17.37
CA MET B 287 -8.32 -6.68 -18.49
C MET B 287 -8.12 -7.52 -19.76
N LEU B 288 -6.88 -7.97 -19.98
CA LEU B 288 -6.53 -8.66 -21.22
C LEU B 288 -7.06 -10.09 -21.24
N THR B 289 -7.24 -10.69 -20.07
CA THR B 289 -7.72 -12.08 -19.95
C THR B 289 -9.19 -12.22 -19.60
N GLY B 290 -9.72 -11.31 -18.78
CA GLY B 290 -11.06 -11.47 -18.20
C GLY B 290 -11.09 -12.52 -17.11
N ASN B 291 -9.90 -12.85 -16.61
CA ASN B 291 -9.71 -13.87 -15.61
C ASN B 291 -8.81 -13.32 -14.53
N ASN B 292 -9.42 -12.82 -13.47
CA ASN B 292 -8.68 -12.10 -12.46
C ASN B 292 -7.71 -13.06 -11.82
N ILE B 293 -6.43 -12.69 -11.79
CA ILE B 293 -5.36 -13.62 -11.41
C ILE B 293 -4.53 -13.15 -10.22
N THR B 294 -4.37 -14.07 -9.26
CA THR B 294 -3.55 -13.87 -8.07
C THR B 294 -2.27 -13.12 -8.39
N ALA B 295 -1.97 -12.12 -7.54
CA ALA B 295 -0.70 -11.39 -7.60
C ALA B 295 0.46 -12.36 -7.76
N SER B 296 0.43 -13.44 -6.98
CA SER B 296 1.46 -14.48 -6.99
C SER B 296 1.62 -15.25 -8.30
N SER B 297 0.79 -14.95 -9.31
CA SER B 297 0.82 -15.67 -10.59
C SER B 297 0.88 -14.73 -11.78
N VAL B 298 1.21 -13.46 -11.59
CA VAL B 298 1.11 -12.52 -12.71
C VAL B 298 2.27 -12.72 -13.67
N LEU B 299 3.50 -12.83 -13.13
CA LEU B 299 4.69 -13.16 -13.92
C LEU B 299 4.47 -14.34 -14.91
N GLU B 300 3.87 -15.44 -14.44
CA GLU B 300 3.66 -16.63 -15.28
C GLU B 300 2.52 -16.47 -16.28
N GLU B 301 1.38 -15.95 -15.81
CA GLU B 301 0.19 -15.77 -16.66
C GLU B 301 0.39 -14.71 -17.74
N TYR B 302 1.32 -13.77 -17.53
CA TYR B 302 1.75 -12.91 -18.62
C TYR B 302 2.49 -13.77 -19.64
N LYS B 303 3.33 -14.67 -19.14
CA LYS B 303 4.21 -15.44 -20.01
C LYS B 303 3.51 -16.49 -20.88
N LYS B 304 2.43 -17.09 -20.42
CA LYS B 304 1.73 -18.09 -21.23
C LYS B 304 0.40 -17.60 -21.84
N THR B 305 0.27 -16.28 -22.04
CA THR B 305 -1.00 -15.69 -22.46
C THR B 305 -0.83 -14.62 -23.53
N VAL B 306 -0.20 -13.51 -23.15
CA VAL B 306 0.00 -12.39 -24.06
C VAL B 306 1.45 -12.30 -24.54
N PHE B 307 2.37 -12.96 -23.85
CA PHE B 307 3.78 -13.03 -24.25
C PHE B 307 4.24 -14.49 -24.37
N ASN B 308 3.63 -15.22 -25.30
CA ASN B 308 3.94 -16.63 -25.58
C ASN B 308 4.72 -16.78 -26.91
N GLU B 309 5.06 -18.00 -27.32
CA GLU B 309 5.79 -18.21 -28.59
C GLU B 309 4.87 -18.27 -29.81
N LEU B 310 3.70 -18.90 -29.70
CA LEU B 310 2.71 -18.88 -30.80
C LEU B 310 2.24 -17.46 -31.16
N ILE B 311 2.40 -16.51 -30.22
CA ILE B 311 2.12 -15.08 -30.46
C ILE B 311 3.40 -14.29 -30.79
N SER B 312 4.48 -14.99 -31.15
CA SER B 312 5.77 -14.34 -31.47
C SER B 312 5.74 -13.63 -32.83
N LYS B 313 4.73 -12.78 -33.04
CA LYS B 313 4.41 -12.23 -34.36
C LYS B 313 4.80 -10.76 -34.49
N SER B 314 5.72 -10.29 -33.65
CA SER B 314 6.00 -8.85 -33.54
C SER B 314 4.80 -8.04 -33.00
N GLU B 315 3.67 -8.70 -32.77
CA GLU B 315 2.57 -8.11 -31.99
C GLU B 315 3.07 -7.81 -30.58
N ILE B 316 3.76 -8.79 -30.01
CA ILE B 316 4.49 -8.65 -28.76
C ILE B 316 5.01 -7.22 -28.51
N ALA B 317 5.75 -6.67 -29.46
CA ALA B 317 6.27 -5.31 -29.32
C ALA B 317 5.14 -4.25 -29.36
N GLN B 318 4.09 -4.51 -30.14
CA GLN B 318 2.90 -3.63 -30.15
C GLN B 318 2.14 -3.68 -28.81
N THR B 319 2.03 -4.86 -28.23
CA THR B 319 1.45 -5.03 -26.90
C THR B 319 2.26 -4.27 -25.87
N VAL B 320 3.55 -4.56 -25.81
CA VAL B 320 4.40 -3.86 -24.86
C VAL B 320 4.15 -2.37 -24.97
N ALA B 321 3.93 -1.89 -26.19
CA ALA B 321 3.64 -0.47 -26.39
C ALA B 321 2.29 -0.11 -25.78
N TYR B 322 1.29 -0.98 -26.03
CA TYR B 322 -0.05 -0.90 -25.41
C TYR B 322 0.00 -0.89 -23.88
N ILE B 323 0.70 -1.86 -23.30
CA ILE B 323 1.01 -1.88 -21.87
C ILE B 323 1.36 -0.45 -21.42
N ARG B 324 2.19 0.26 -22.17
CA ARG B 324 2.58 1.65 -21.81
C ARG B 324 1.44 2.67 -22.00
N ASP B 325 0.58 2.45 -22.99
CA ASP B 325 -0.58 3.31 -23.19
C ASP B 325 -1.37 3.26 -21.88
N CYS B 326 -1.74 2.05 -21.50
CA CYS B 326 -2.45 1.79 -20.26
C CYS B 326 -1.74 2.46 -19.06
N VAL B 327 -0.45 2.24 -18.93
CA VAL B 327 0.27 2.71 -17.76
C VAL B 327 0.20 4.22 -17.64
N GLU B 328 0.10 4.89 -18.79
CA GLU B 328 -0.05 6.33 -18.79
C GLU B 328 -1.45 6.64 -18.27
N ARG B 329 -2.47 5.98 -18.82
CA ARG B 329 -3.84 6.16 -18.36
C ARG B 329 -3.98 5.88 -16.88
N LEU B 330 -3.49 4.71 -16.48
CA LEU B 330 -3.61 4.27 -15.08
C LEU B 330 -3.02 5.32 -14.13
N GLU B 331 -2.02 6.06 -14.60
CA GLU B 331 -1.43 7.11 -13.76
C GLU B 331 -2.47 8.12 -13.29
N TYR B 332 -3.51 8.35 -14.10
CA TYR B 332 -4.59 9.31 -13.77
C TYR B 332 -5.70 8.65 -12.95
N ILE B 333 -6.29 7.65 -13.57
CA ILE B 333 -7.37 6.90 -12.95
C ILE B 333 -7.01 6.44 -11.54
N SER B 334 -5.80 5.92 -11.37
CA SER B 334 -5.33 5.44 -10.07
C SER B 334 -5.43 6.45 -8.96
N SER B 335 -5.32 7.72 -9.29
CA SER B 335 -5.39 8.78 -8.29
C SER B 335 -6.64 9.62 -8.49
N GLY B 336 -7.63 9.04 -9.16
CA GLY B 336 -8.98 9.60 -9.24
C GLY B 336 -9.16 10.73 -10.24
N GLU B 337 -8.08 11.00 -10.99
CA GLU B 337 -8.04 12.11 -11.93
C GLU B 337 -8.50 11.66 -13.31
N TRP B 338 -9.25 12.53 -13.96
CA TRP B 338 -9.89 12.25 -15.23
C TRP B 338 -8.81 11.95 -16.28
N PRO B 339 -8.98 10.88 -17.07
CA PRO B 339 -8.00 10.54 -18.12
C PRO B 339 -8.15 11.29 -19.45
N PHE B 340 -9.38 11.65 -19.82
CA PHE B 340 -9.62 12.32 -21.09
C PHE B 340 -9.18 13.79 -21.06
N GLU B 341 -9.05 14.38 -22.25
CA GLU B 341 -8.87 15.83 -22.40
C GLU B 341 -9.99 16.50 -21.61
N ASN B 342 -9.62 17.20 -20.54
CA ASN B 342 -10.62 17.73 -19.60
C ASN B 342 -11.32 19.01 -20.07
N ASN B 343 -11.01 19.46 -21.28
CA ASN B 343 -11.71 20.59 -21.90
C ASN B 343 -13.25 20.49 -21.76
N ASN B 344 -13.83 19.41 -22.26
CA ASN B 344 -15.27 19.17 -22.15
C ASN B 344 -15.57 18.95 -20.67
N ASP B 345 -16.04 20.01 -20.01
CA ASP B 345 -16.05 20.07 -18.55
C ASP B 345 -16.33 18.72 -17.88
N ASN B 346 -17.55 18.22 -18.00
CA ASN B 346 -17.92 16.96 -17.36
C ASN B 346 -17.49 16.85 -15.88
N LYS B 347 -17.66 17.95 -15.16
CA LYS B 347 -17.22 18.05 -13.77
C LYS B 347 -17.91 17.05 -12.85
N TRP B 348 -19.23 16.93 -12.97
CA TRP B 348 -20.01 16.03 -12.12
C TRP B 348 -19.48 14.58 -12.13
N HIS B 349 -19.18 14.05 -13.33
CA HIS B 349 -18.56 12.72 -13.46
C HIS B 349 -17.13 12.67 -12.95
N LYS B 350 -16.37 13.72 -13.19
CA LYS B 350 -15.07 13.90 -12.54
C LYS B 350 -15.21 13.72 -11.03
N SER B 351 -16.24 14.31 -10.43
CA SER B 351 -16.41 14.23 -9.00
C SER B 351 -16.70 12.79 -8.58
N LYS B 352 -17.37 12.03 -9.45
CA LYS B 352 -17.66 10.65 -9.13
C LYS B 352 -16.41 9.76 -9.21
N LEU B 353 -15.53 10.01 -10.18
CA LEU B 353 -14.26 9.30 -10.19
C LEU B 353 -13.45 9.59 -8.91
N ASP B 354 -13.37 10.86 -8.51
CA ASP B 354 -12.62 11.21 -7.29
C ASP B 354 -13.26 10.54 -6.08
N LEU B 355 -14.58 10.41 -6.09
CA LEU B 355 -15.30 9.76 -5.00
C LEU B 355 -14.91 8.30 -5.00
N LEU B 356 -15.08 7.66 -6.14
CA LEU B 356 -14.87 6.22 -6.26
C LEU B 356 -13.45 5.82 -5.84
N ILE B 357 -12.44 6.54 -6.35
CA ILE B 357 -11.05 6.13 -6.19
C ILE B 357 -10.36 6.75 -4.97
N ASN B 358 -10.48 8.07 -4.80
CA ASN B 358 -9.78 8.75 -3.72
C ASN B 358 -10.53 8.75 -2.36
N LYS B 359 -11.87 8.75 -2.38
CA LYS B 359 -12.63 8.87 -1.14
C LYS B 359 -13.08 7.52 -0.62
N LEU B 360 -13.47 6.65 -1.54
CA LEU B 360 -13.95 5.31 -1.21
C LEU B 360 -12.94 4.19 -1.52
N LYS B 361 -11.92 4.49 -2.35
CA LYS B 361 -10.74 3.64 -2.46
C LYS B 361 -11.02 2.25 -3.09
N HIS B 362 -11.85 2.24 -4.11
CA HIS B 362 -12.35 1.00 -4.69
C HIS B 362 -11.42 0.69 -5.82
N LEU B 363 -10.20 0.32 -5.44
CA LEU B 363 -9.19 0.01 -6.42
C LEU B 363 -9.63 -1.18 -7.25
N HIS B 364 -10.35 -2.12 -6.64
CA HIS B 364 -10.83 -3.30 -7.38
C HIS B 364 -11.34 -2.99 -8.79
N ALA B 365 -11.84 -1.77 -8.96
CA ALA B 365 -12.44 -1.35 -10.22
C ALA B 365 -11.45 -1.01 -11.36
N MET B 366 -10.15 -0.88 -11.08
CA MET B 366 -9.18 -0.37 -12.09
C MET B 366 -9.23 -1.12 -13.41
N PRO B 367 -9.29 -2.46 -13.38
CA PRO B 367 -9.36 -3.05 -14.70
C PRO B 367 -10.60 -2.59 -15.48
N LEU B 368 -11.72 -2.39 -14.77
CA LEU B 368 -12.97 -1.95 -15.39
C LEU B 368 -12.84 -0.53 -15.90
N LEU B 369 -12.40 0.35 -15.02
CA LEU B 369 -12.21 1.76 -15.35
C LEU B 369 -11.28 1.90 -16.55
N LEU B 370 -10.19 1.12 -16.56
CA LEU B 370 -9.17 1.18 -17.63
C LEU B 370 -9.72 0.79 -19.00
N ALA B 371 -10.36 -0.38 -19.07
CA ALA B 371 -11.08 -0.78 -20.27
C ALA B 371 -12.06 0.28 -20.72
N ALA B 372 -12.82 0.88 -19.81
CA ALA B 372 -13.79 1.93 -20.15
C ALA B 372 -13.12 3.16 -20.75
N SER B 373 -11.92 3.50 -20.28
CA SER B 373 -11.21 4.65 -20.79
C SER B 373 -10.86 4.48 -22.27
N PHE B 374 -10.68 3.21 -22.68
CA PHE B 374 -10.52 2.89 -24.10
C PHE B 374 -11.84 2.87 -24.88
N SER B 375 -12.96 2.97 -24.17
CA SER B 375 -14.28 3.12 -24.80
C SER B 375 -14.57 4.61 -25.03
N SER B 376 -15.83 4.96 -25.32
CA SER B 376 -16.22 6.38 -25.39
C SER B 376 -15.97 7.01 -24.04
N GLU B 377 -15.84 8.33 -24.03
CA GLU B 377 -15.83 9.07 -22.76
C GLU B 377 -17.24 9.06 -22.14
N ASN B 378 -18.28 8.81 -22.95
CA ASN B 378 -19.63 8.57 -22.43
C ASN B 378 -19.66 7.29 -21.62
N ASN B 379 -19.26 6.21 -22.27
CA ASN B 379 -19.19 4.92 -21.61
C ASN B 379 -18.37 5.03 -20.35
N PHE B 380 -17.30 5.82 -20.38
CA PHE B 380 -16.55 6.05 -19.17
C PHE B 380 -17.40 6.73 -18.11
N LYS B 381 -18.01 7.85 -18.48
CA LYS B 381 -18.88 8.64 -17.57
C LYS B 381 -19.87 7.74 -16.85
N HIS B 382 -20.57 6.93 -17.63
CA HIS B 382 -21.64 6.11 -17.10
C HIS B 382 -21.17 5.00 -16.19
N ILE B 383 -20.05 4.37 -16.54
CA ILE B 383 -19.47 3.29 -15.73
C ILE B 383 -19.04 3.84 -14.36
N VAL B 384 -18.20 4.86 -14.35
CA VAL B 384 -17.80 5.46 -13.09
C VAL B 384 -19.04 5.74 -12.26
N ASN B 385 -20.09 6.24 -12.89
CA ASN B 385 -21.31 6.56 -12.14
C ASN B 385 -21.91 5.28 -11.60
N GLU B 386 -22.26 4.36 -12.49
CA GLU B 386 -22.97 3.16 -12.07
C GLU B 386 -22.16 2.27 -11.14
N THR B 387 -20.84 2.30 -11.30
CA THR B 387 -19.99 1.54 -10.43
C THR B 387 -19.99 2.12 -9.03
N SER B 388 -19.97 3.45 -8.93
CA SER B 388 -20.06 4.05 -7.61
C SER B 388 -21.35 3.70 -6.92
N LYS B 389 -22.43 3.55 -7.69
CA LYS B 389 -23.72 3.12 -7.15
C LYS B 389 -23.61 1.70 -6.59
N PHE B 390 -22.98 0.83 -7.37
CA PHE B 390 -22.87 -0.58 -7.02
C PHE B 390 -21.93 -0.76 -5.82
N PHE B 391 -20.87 0.03 -5.77
CA PHE B 391 -19.95 -0.07 -4.67
C PHE B 391 -20.55 0.47 -3.39
N ILE B 392 -21.21 1.62 -3.49
CA ILE B 392 -21.89 2.16 -2.33
C ILE B 392 -22.82 1.08 -1.77
N ARG B 393 -23.68 0.56 -2.63
CA ARG B 393 -24.61 -0.47 -2.25
C ARG B 393 -23.96 -1.67 -1.58
N CYS B 394 -23.00 -2.27 -2.28
CA CYS B 394 -22.41 -3.56 -1.86
C CYS B 394 -21.34 -3.49 -0.74
N LYS B 395 -20.60 -2.40 -0.65
CA LYS B 395 -19.54 -2.25 0.36
C LYS B 395 -19.78 -1.20 1.46
N MET B 396 -20.25 -0.01 1.11
CA MET B 396 -20.43 1.06 2.12
C MET B 396 -21.65 0.85 3.02
N ILE B 397 -22.75 0.38 2.45
CA ILE B 397 -23.98 0.16 3.21
C ILE B 397 -24.08 -1.31 3.62
N SER B 398 -24.16 -2.22 2.64
CA SER B 398 -23.96 -3.64 2.89
C SER B 398 -22.45 -3.87 3.06
N ASP B 399 -22.03 -5.11 3.23
CA ASP B 399 -20.61 -5.39 3.38
C ASP B 399 -20.22 -6.76 2.79
N LEU B 400 -20.76 -7.05 1.61
CA LEU B 400 -20.36 -8.22 0.85
C LEU B 400 -18.85 -8.23 0.70
N HIS B 401 -18.27 -9.43 0.80
CA HIS B 401 -16.84 -9.53 0.87
C HIS B 401 -16.28 -9.26 -0.52
N ALA B 402 -15.15 -8.57 -0.58
CA ALA B 402 -14.59 -8.06 -1.84
C ALA B 402 -14.38 -9.03 -3.05
N SER B 403 -14.51 -10.34 -2.87
CA SER B 403 -14.26 -11.26 -4.00
C SER B 403 -15.36 -11.18 -5.05
N ILE B 404 -16.55 -10.85 -4.57
CA ILE B 404 -17.71 -10.51 -5.39
C ILE B 404 -17.30 -9.70 -6.62
N PHE B 405 -16.57 -8.61 -6.36
CA PHE B 405 -16.04 -7.72 -7.37
C PHE B 405 -14.97 -8.38 -8.26
N SER B 406 -14.18 -9.29 -7.69
CA SER B 406 -13.00 -9.78 -8.39
C SER B 406 -13.30 -10.46 -9.72
N LYS B 407 -14.23 -11.41 -9.73
CA LYS B 407 -14.63 -12.00 -11.01
C LYS B 407 -15.45 -11.00 -11.83
N LEU B 408 -16.49 -10.42 -11.22
CA LEU B 408 -17.42 -9.52 -11.92
C LEU B 408 -16.72 -8.49 -12.80
N TYR B 409 -15.69 -7.85 -12.27
CA TYR B 409 -14.99 -6.79 -12.99
C TYR B 409 -14.02 -7.35 -14.05
N ALA B 410 -13.41 -8.48 -13.74
CA ALA B 410 -12.44 -9.09 -14.63
C ALA B 410 -13.10 -9.40 -15.94
N VAL B 411 -14.25 -10.06 -15.86
CA VAL B 411 -15.00 -10.41 -17.06
C VAL B 411 -15.51 -9.15 -17.77
N LEU B 412 -16.06 -8.20 -17.02
CA LEU B 412 -16.57 -6.99 -17.62
C LEU B 412 -15.49 -6.21 -18.37
N ALA B 413 -14.32 -6.08 -17.74
CA ALA B 413 -13.20 -5.36 -18.37
C ALA B 413 -12.78 -5.97 -19.70
N LEU B 414 -12.88 -7.29 -19.81
CA LEU B 414 -12.57 -7.94 -21.07
C LEU B 414 -13.64 -7.52 -22.09
N ARG B 415 -14.90 -7.81 -21.77
CA ARG B 415 -16.01 -7.47 -22.67
C ARG B 415 -15.92 -6.01 -23.15
N ILE B 416 -15.52 -5.11 -22.26
CA ILE B 416 -15.36 -3.71 -22.64
C ILE B 416 -14.13 -3.51 -23.54
N HIS B 417 -13.05 -4.23 -23.23
CA HIS B 417 -11.85 -4.22 -24.04
C HIS B 417 -12.15 -4.73 -25.45
N LYS B 418 -12.80 -5.88 -25.52
CA LYS B 418 -13.18 -6.47 -26.79
C LYS B 418 -14.19 -5.64 -27.58
N GLU B 419 -15.23 -5.13 -26.91
CA GLU B 419 -16.29 -4.37 -27.60
C GLU B 419 -15.98 -2.87 -27.81
N ARG B 420 -15.15 -2.28 -26.96
CA ARG B 420 -14.68 -0.92 -27.16
C ARG B 420 -15.85 0.10 -27.15
N ASP B 421 -15.76 1.13 -27.99
CA ASP B 421 -16.74 2.23 -28.02
C ASP B 421 -18.19 1.82 -28.34
N ARG B 422 -18.42 0.65 -28.91
CA ARG B 422 -19.80 0.23 -29.24
C ARG B 422 -20.40 -0.69 -28.16
N PHE B 423 -19.76 -0.68 -26.99
CA PHE B 423 -20.32 -1.29 -25.79
C PHE B 423 -21.54 -0.46 -25.37
N ASP B 424 -22.57 -1.10 -24.82
CA ASP B 424 -23.72 -0.35 -24.26
C ASP B 424 -23.90 -0.62 -22.77
N ILE B 425 -24.19 0.46 -22.05
CA ILE B 425 -24.32 0.47 -20.58
C ILE B 425 -25.23 -0.63 -20.03
N SER B 426 -26.34 -0.89 -20.73
CA SER B 426 -27.29 -1.92 -20.29
C SER B 426 -26.59 -3.24 -19.97
N LYS B 427 -25.47 -3.52 -20.64
CA LYS B 427 -24.60 -4.66 -20.31
C LYS B 427 -24.05 -4.57 -18.89
N LEU B 428 -23.43 -3.44 -18.57
CA LEU B 428 -22.96 -3.19 -17.21
C LEU B 428 -24.05 -3.34 -16.16
N HIS B 429 -25.26 -2.83 -16.46
CA HIS B 429 -26.39 -3.00 -15.57
C HIS B 429 -26.77 -4.46 -15.42
N GLY B 430 -26.86 -5.16 -16.55
CA GLY B 430 -27.17 -6.57 -16.48
C GLY B 430 -26.15 -7.29 -15.61
N ALA B 431 -24.89 -6.93 -15.81
CA ALA B 431 -23.83 -7.62 -15.13
C ALA B 431 -24.09 -7.41 -13.66
N PHE B 432 -24.22 -6.15 -13.26
CA PHE B 432 -24.46 -5.81 -11.87
C PHE B 432 -25.73 -6.48 -11.36
N ASN B 433 -26.76 -6.49 -12.20
CA ASN B 433 -28.04 -7.01 -11.79
C ASN B 433 -28.00 -8.49 -11.49
N GLU B 434 -27.18 -9.26 -12.23
CA GLU B 434 -27.03 -10.71 -11.99
C GLU B 434 -26.46 -11.01 -10.61
N ILE B 435 -25.45 -10.23 -10.23
CA ILE B 435 -24.83 -10.38 -8.92
C ILE B 435 -25.86 -10.18 -7.79
N LEU B 436 -26.69 -9.14 -7.94
CA LEU B 436 -27.68 -8.81 -6.92
C LEU B 436 -28.83 -9.84 -6.86
N LEU B 437 -29.14 -10.43 -8.01
CA LEU B 437 -30.15 -11.49 -8.06
C LEU B 437 -29.64 -12.71 -7.32
N ASP B 438 -28.32 -12.89 -7.37
CA ASP B 438 -27.64 -13.97 -6.69
C ASP B 438 -27.53 -13.67 -5.20
N LYS B 439 -26.82 -12.61 -4.83
CA LYS B 439 -26.51 -12.37 -3.41
C LYS B 439 -27.63 -11.70 -2.61
N ASP B 440 -28.61 -11.11 -3.28
CA ASP B 440 -29.64 -10.33 -2.57
C ASP B 440 -30.97 -10.25 -3.36
N PRO B 441 -31.58 -11.40 -3.70
CA PRO B 441 -32.59 -11.54 -4.76
C PRO B 441 -33.79 -10.61 -4.65
N GLU B 442 -34.23 -10.37 -3.41
CA GLU B 442 -35.43 -9.58 -3.17
C GLU B 442 -35.08 -8.35 -2.33
N ASP B 443 -33.84 -7.89 -2.48
CA ASP B 443 -33.35 -6.67 -1.85
C ASP B 443 -33.47 -6.66 -0.32
N VAL B 444 -33.61 -7.80 0.34
CA VAL B 444 -33.88 -7.74 1.79
C VAL B 444 -32.62 -7.43 2.59
N ARG B 445 -31.48 -7.96 2.16
CA ARG B 445 -30.23 -7.69 2.86
C ARG B 445 -29.88 -6.21 2.77
N PHE B 446 -29.85 -5.70 1.54
CA PHE B 446 -29.55 -4.29 1.33
C PHE B 446 -30.51 -3.40 2.09
N SER B 447 -31.77 -3.81 2.17
CA SER B 447 -32.83 -3.00 2.78
C SER B 447 -32.62 -2.86 4.28
N THR B 448 -32.32 -3.97 4.96
CA THR B 448 -32.16 -3.91 6.42
C THR B 448 -30.89 -3.16 6.79
N ASN B 449 -29.85 -3.32 5.96
CA ASN B 449 -28.61 -2.57 6.15
C ASN B 449 -28.88 -1.07 6.12
N VAL B 450 -29.71 -0.65 5.17
CA VAL B 450 -30.12 0.74 5.09
C VAL B 450 -30.86 1.16 6.36
N ARG B 451 -31.71 0.26 6.83
CA ARG B 451 -32.63 0.54 7.91
C ARG B 451 -31.86 0.72 9.20
N SER B 452 -30.76 -0.01 9.33
CA SER B 452 -29.97 -0.03 10.56
C SER B 452 -28.66 0.76 10.44
N LEU B 453 -28.65 1.73 9.53
CA LEU B 453 -27.58 2.71 9.44
C LEU B 453 -27.71 3.73 10.58
N ILE B 454 -26.64 3.94 11.32
CA ILE B 454 -26.65 4.89 12.43
C ILE B 454 -25.73 6.10 12.15
N TYR B 455 -26.10 7.28 12.67
CA TYR B 455 -25.25 8.45 12.54
C TYR B 455 -24.01 8.20 13.36
N GLN B 456 -22.85 8.63 12.86
CA GLN B 456 -21.56 8.44 13.56
C GLN B 456 -21.13 9.66 14.31
N LYS B 457 -20.74 9.45 15.57
CA LYS B 457 -20.36 10.53 16.45
C LYS B 457 -19.00 11.12 16.11
N LYS B 458 -18.20 10.41 15.31
CA LYS B 458 -16.81 10.80 15.03
C LYS B 458 -16.41 10.85 13.56
N GLY B 459 -16.94 9.93 12.75
CA GLY B 459 -16.49 9.79 11.36
C GLY B 459 -16.71 10.98 10.44
N ASP B 460 -16.76 10.68 9.14
CA ASP B 460 -17.20 11.62 8.12
C ASP B 460 -18.62 11.23 7.73
N ASN B 461 -19.07 10.09 8.22
CA ASN B 461 -20.37 9.53 7.87
C ASN B 461 -20.58 9.22 6.40
N LYS B 462 -19.49 8.83 5.73
CA LYS B 462 -19.50 8.48 4.31
C LYS B 462 -20.66 7.59 3.86
N PRO B 463 -21.03 6.61 4.67
CA PRO B 463 -22.14 5.73 4.26
C PRO B 463 -23.47 6.48 4.11
N ILE B 464 -23.85 7.23 5.14
CA ILE B 464 -25.10 7.97 5.18
C ILE B 464 -25.09 9.09 4.16
N LYS B 465 -23.91 9.66 3.95
CA LYS B 465 -23.73 10.70 2.94
C LYS B 465 -23.82 10.11 1.53
N CYS B 466 -23.11 9.01 1.26
CA CYS B 466 -23.25 8.32 -0.03
C CYS B 466 -24.71 8.06 -0.39
N LEU B 467 -25.48 7.68 0.61
CA LEU B 467 -26.88 7.37 0.44
C LEU B 467 -27.74 8.59 0.14
N LEU B 468 -27.64 9.61 0.99
CA LEU B 468 -28.58 10.72 0.92
C LEU B 468 -28.33 11.64 -0.28
N MET B 469 -27.06 11.83 -0.61
CA MET B 469 -26.64 12.47 -1.85
C MET B 469 -27.21 11.73 -3.09
N THR B 470 -27.16 10.41 -3.06
CA THR B 470 -27.49 9.65 -4.24
C THR B 470 -28.99 9.55 -4.46
N ILE B 471 -29.78 9.37 -3.40
CA ILE B 471 -31.24 9.45 -3.53
C ILE B 471 -31.60 10.89 -3.91
N GLN B 472 -31.01 11.87 -3.21
CA GLN B 472 -31.20 13.29 -3.55
C GLN B 472 -31.02 13.60 -5.03
N GLU B 473 -29.89 13.17 -5.58
CA GLU B 473 -29.55 13.36 -6.99
C GLU B 473 -30.46 12.65 -7.99
N ASN B 474 -31.36 11.78 -7.52
CA ASN B 474 -32.21 10.97 -8.44
C ASN B 474 -33.67 11.13 -8.10
N TRP B 475 -34.00 12.30 -7.53
CA TRP B 475 -35.27 12.53 -6.87
C TRP B 475 -36.43 12.78 -7.85
N GLU B 476 -36.18 13.60 -8.87
CA GLU B 476 -37.21 13.85 -9.88
C GLU B 476 -37.60 12.56 -10.60
N TRP B 477 -36.71 11.56 -10.58
CA TRP B 477 -36.99 10.23 -11.13
C TRP B 477 -37.75 9.36 -10.15
N LEU B 478 -37.48 9.52 -8.86
CA LEU B 478 -38.21 8.79 -7.83
C LEU B 478 -39.66 9.25 -7.74
N LYS B 479 -39.90 10.51 -8.08
CA LYS B 479 -41.21 11.13 -7.98
C LYS B 479 -42.09 10.96 -9.23
N GLN B 480 -41.48 10.98 -10.42
CA GLN B 480 -42.23 10.95 -11.68
C GLN B 480 -43.32 9.87 -11.71
N PRO B 481 -44.41 10.09 -12.49
CA PRO B 481 -45.39 9.00 -12.66
C PRO B 481 -44.63 7.75 -13.06
N CYS B 482 -44.62 6.78 -12.15
CA CYS B 482 -43.55 5.77 -12.10
C CYS B 482 -43.30 5.08 -13.45
N GLN B 483 -42.01 5.00 -13.81
CA GLN B 483 -41.59 4.32 -15.03
C GLN B 483 -40.63 3.17 -14.70
N GLY B 484 -39.75 3.39 -13.72
CA GLY B 484 -38.91 2.34 -13.18
C GLY B 484 -38.02 1.58 -14.16
N ASN B 485 -37.18 2.29 -14.90
CA ASN B 485 -36.16 1.61 -15.71
C ASN B 485 -34.75 2.12 -15.41
N SER B 486 -33.81 1.23 -15.15
CA SER B 486 -32.46 1.67 -14.77
C SER B 486 -31.84 2.61 -15.80
N LEU B 487 -32.07 2.35 -17.08
CA LEU B 487 -31.62 3.27 -18.13
C LEU B 487 -32.36 4.61 -18.04
N ASN B 488 -33.64 4.52 -17.68
CA ASN B 488 -34.49 5.69 -17.51
C ASN B 488 -33.89 6.57 -16.41
N ARG B 489 -33.63 5.98 -15.24
CA ARG B 489 -32.95 6.68 -14.14
C ARG B 489 -31.70 7.41 -14.61
N LEU B 490 -30.90 6.70 -15.39
CA LEU B 490 -29.62 7.22 -15.84
C LEU B 490 -29.78 8.44 -16.73
N LYS B 491 -30.83 8.45 -17.56
CA LYS B 491 -31.12 9.61 -18.42
C LYS B 491 -31.66 10.80 -17.62
N ARG B 492 -32.62 10.54 -16.74
CA ARG B 492 -33.29 11.58 -15.96
C ARG B 492 -32.47 12.12 -14.76
N GLU B 493 -31.24 11.67 -14.57
CA GLU B 493 -30.54 11.91 -13.29
C GLU B 493 -29.96 13.32 -13.17
N ASP B 494 -30.11 13.90 -11.99
CA ASP B 494 -29.64 15.25 -11.70
C ASP B 494 -28.12 15.26 -11.70
N GLN B 495 -27.50 16.12 -12.53
CA GLN B 495 -26.02 16.29 -12.53
C GLN B 495 -25.65 17.74 -12.29
N THR B 496 -26.57 18.51 -11.74
CA THR B 496 -26.43 19.97 -11.69
C THR B 496 -25.76 20.47 -10.43
N ILE B 497 -25.69 19.62 -9.41
CA ILE B 497 -25.02 19.96 -8.15
C ILE B 497 -23.86 18.96 -7.97
N ILE B 498 -22.76 19.45 -7.41
CA ILE B 498 -21.59 18.64 -7.09
C ILE B 498 -21.29 18.77 -5.62
N PHE B 499 -21.78 17.80 -4.84
CA PHE B 499 -21.70 17.81 -3.38
C PHE B 499 -20.27 17.50 -2.87
N ASP B 500 -19.86 18.21 -1.83
CA ASP B 500 -18.55 18.00 -1.21
C ASP B 500 -18.81 17.46 0.19
N PHE B 501 -18.37 16.22 0.44
CA PHE B 501 -18.65 15.59 1.73
C PHE B 501 -18.21 16.51 2.89
N ASN B 502 -17.16 17.31 2.67
CA ASN B 502 -16.64 18.21 3.72
C ASN B 502 -17.58 19.33 4.11
N SER B 503 -18.48 19.72 3.20
CA SER B 503 -19.46 20.80 3.45
C SER B 503 -20.92 20.33 3.50
N MET B 504 -21.12 19.06 3.24
CA MET B 504 -22.41 18.42 3.39
C MET B 504 -22.82 18.35 4.88
N THR B 505 -24.09 18.63 5.17
CA THR B 505 -24.54 18.74 6.54
C THR B 505 -25.66 17.75 6.88
N LEU B 506 -25.43 16.91 7.89
CA LEU B 506 -26.43 15.97 8.35
C LEU B 506 -27.16 16.47 9.63
N GLU B 507 -28.44 16.81 9.50
CA GLU B 507 -29.19 17.31 10.64
C GLU B 507 -29.99 16.20 11.31
N HIS B 508 -30.00 16.19 12.65
CA HIS B 508 -30.89 15.30 13.42
C HIS B 508 -32.24 16.02 13.55
N ILE B 509 -33.32 15.39 13.10
CA ILE B 509 -34.61 16.10 13.00
C ILE B 509 -35.16 16.39 14.39
N TYR B 510 -35.34 15.34 15.19
CA TYR B 510 -35.40 15.49 16.64
C TYR B 510 -33.96 15.83 17.01
N PRO B 511 -33.76 16.78 17.95
CA PRO B 511 -32.44 17.40 18.02
C PRO B 511 -31.36 16.48 18.57
N TYR B 512 -30.12 16.77 18.20
CA TYR B 512 -28.99 15.98 18.62
C TYR B 512 -28.87 16.06 20.12
N SER B 513 -28.57 17.24 20.65
CA SER B 513 -28.56 17.40 22.08
C SER B 513 -29.70 18.33 22.38
N ALA B 514 -30.75 17.74 22.92
CA ALA B 514 -31.97 18.46 23.23
C ALA B 514 -31.90 18.97 24.65
N LEU B 515 -32.40 20.20 24.83
CA LEU B 515 -32.52 20.81 26.16
C LEU B 515 -33.62 20.04 26.87
N HIS B 516 -33.41 19.71 28.15
CA HIS B 516 -34.36 18.90 28.92
C HIS B 516 -35.83 19.25 28.66
N GLU B 517 -36.14 20.54 28.63
CA GLU B 517 -37.51 21.01 28.33
C GLU B 517 -38.07 20.41 27.02
N ASP B 518 -37.18 20.05 26.10
CA ASP B 518 -37.56 19.47 24.80
C ASP B 518 -37.15 17.99 24.64
N LYS B 519 -36.82 17.30 25.73
CA LYS B 519 -36.23 15.96 25.66
C LYS B 519 -37.21 14.80 25.91
N ASP B 520 -37.92 14.37 24.87
CA ASP B 520 -38.71 13.13 24.92
C ASP B 520 -37.78 11.90 24.87
N MET B 521 -38.00 10.96 25.78
CA MET B 521 -37.03 9.90 26.05
C MET B 521 -37.12 8.68 25.12
N ASP B 522 -38.32 8.34 24.66
CA ASP B 522 -38.48 7.22 23.72
C ASP B 522 -37.82 7.58 22.38
N MET B 523 -37.86 8.87 22.08
CA MET B 523 -37.34 9.43 20.85
C MET B 523 -35.80 9.42 20.83
N GLU B 524 -35.19 9.46 22.01
CA GLU B 524 -33.74 9.48 22.14
C GLU B 524 -33.15 8.13 21.75
N LYS B 525 -33.85 7.05 22.09
CA LYS B 525 -33.47 5.72 21.61
C LYS B 525 -33.32 5.68 20.08
N LEU B 526 -34.04 6.57 19.38
CA LEU B 526 -34.00 6.71 17.91
C LEU B 526 -33.00 7.74 17.40
N LYS B 527 -32.62 8.69 18.25
CA LYS B 527 -32.10 9.98 17.78
C LYS B 527 -31.06 9.84 16.68
N ASN B 528 -30.16 8.88 16.81
CA ASN B 528 -29.08 8.71 15.84
C ASN B 528 -29.40 7.72 14.73
N ASN B 529 -30.62 7.20 14.74
CA ASN B 529 -31.07 6.29 13.69
C ASN B 529 -31.40 7.08 12.42
N ILE B 530 -31.22 6.44 11.26
CA ILE B 530 -31.26 7.17 10.00
C ILE B 530 -32.64 7.77 9.75
N GLY B 531 -33.67 7.14 10.31
CA GLY B 531 -35.03 7.68 10.25
C GLY B 531 -35.14 9.10 10.78
N ASN B 532 -34.13 9.53 11.52
CA ASN B 532 -34.10 10.86 12.12
C ASN B 532 -32.98 11.71 11.56
N ILE B 533 -32.49 11.35 10.38
CA ILE B 533 -31.35 12.04 9.76
C ILE B 533 -31.68 12.49 8.36
N VAL B 534 -31.34 13.74 8.04
CA VAL B 534 -31.51 14.28 6.69
C VAL B 534 -30.37 15.21 6.25
N LEU B 535 -30.08 15.19 4.95
CA LEU B 535 -29.09 16.07 4.33
C LEU B 535 -29.67 17.48 4.30
N LEU B 536 -28.83 18.52 4.30
CA LEU B 536 -29.33 19.89 4.31
C LEU B 536 -28.82 20.65 3.09
N ASP B 537 -29.55 21.67 2.65
CA ASP B 537 -29.16 22.32 1.40
C ASP B 537 -27.77 22.87 1.61
N PRO B 538 -26.84 22.47 0.64
CA PRO B 538 -25.45 22.77 1.06
C PRO B 538 -25.29 24.25 1.11
N THR B 539 -25.76 24.87 0.05
CA THR B 539 -25.70 26.30 -0.09
C THR B 539 -26.91 26.71 0.68
N ARG B 540 -27.26 27.98 0.60
CA ARG B 540 -28.47 28.41 1.24
C ARG B 540 -28.33 28.12 2.72
N ASN B 541 -29.33 27.49 3.31
CA ASN B 541 -29.40 27.34 4.75
C ASN B 541 -28.24 26.52 5.31
N ASN B 542 -27.76 26.93 6.47
CA ASN B 542 -26.75 26.18 7.18
C ASN B 542 -27.22 25.83 8.59
N LYS B 543 -27.13 24.56 8.97
CA LYS B 543 -27.56 24.14 10.29
C LYS B 543 -26.52 24.51 11.34
N ASN B 544 -27.01 25.13 12.42
CA ASN B 544 -26.19 25.44 13.58
C ASN B 544 -26.89 25.01 14.88
N ASP B 545 -28.13 24.55 14.75
CA ASP B 545 -29.07 24.52 15.85
C ASP B 545 -29.40 23.11 16.29
N ASN B 546 -29.16 22.82 17.57
CA ASN B 546 -29.67 21.60 18.21
C ASN B 546 -30.87 21.95 19.09
N LYS B 547 -31.98 22.29 18.44
CA LYS B 547 -33.20 22.75 19.08
C LYS B 547 -34.39 22.02 18.45
N PRO B 548 -35.58 22.07 19.08
CA PRO B 548 -36.65 21.16 18.71
C PRO B 548 -37.20 21.37 17.31
N PHE B 549 -37.72 20.29 16.73
CA PHE B 549 -38.29 20.27 15.38
C PHE B 549 -39.13 21.51 15.06
N ILE B 550 -40.09 21.80 15.92
CA ILE B 550 -41.05 22.90 15.65
C ILE B 550 -40.38 24.28 15.51
N ASP B 551 -39.43 24.59 16.41
CA ASP B 551 -38.72 25.88 16.38
C ASP B 551 -37.62 25.89 15.32
N LYS B 552 -37.69 24.96 14.37
CA LYS B 552 -36.56 24.59 13.52
C LYS B 552 -37.02 24.32 12.08
N LYS B 553 -38.29 24.58 11.80
CA LYS B 553 -38.93 24.20 10.55
C LYS B 553 -38.56 25.05 9.34
N ASN B 554 -38.08 26.25 9.60
CA ASN B 554 -37.48 27.12 8.57
C ASN B 554 -36.42 26.47 7.68
N SER B 555 -35.81 25.39 8.14
CA SER B 555 -34.70 24.73 7.41
C SER B 555 -35.10 24.04 6.11
N PHE B 556 -36.36 23.64 5.99
CA PHE B 556 -36.83 22.80 4.89
C PHE B 556 -37.74 23.48 3.86
N GLU B 557 -38.09 24.76 4.10
CA GLU B 557 -39.30 25.35 3.50
C GLU B 557 -39.38 25.34 1.97
N ASN B 558 -38.43 26.00 1.31
CA ASN B 558 -38.36 26.07 -0.15
C ASN B 558 -36.91 25.84 -0.49
N THR B 559 -36.49 24.58 -0.44
CA THR B 559 -35.08 24.19 -0.55
C THR B 559 -34.85 23.30 -1.78
N GLY B 560 -33.59 23.08 -2.12
CA GLY B 560 -33.23 22.34 -3.33
C GLY B 560 -33.45 20.85 -3.23
N ILE B 561 -33.57 20.31 -2.01
CA ILE B 561 -33.55 18.86 -1.80
C ILE B 561 -34.89 18.24 -1.42
N GLY B 562 -35.31 17.28 -2.23
CA GLY B 562 -36.70 16.83 -2.32
C GLY B 562 -37.41 16.31 -1.09
N ILE B 563 -36.72 15.51 -0.29
CA ILE B 563 -37.32 14.95 0.91
C ILE B 563 -37.74 16.02 1.90
N HIS B 564 -37.21 17.24 1.73
CA HIS B 564 -37.61 18.37 2.60
C HIS B 564 -39.08 18.72 2.53
N SER B 565 -39.64 18.69 1.32
CA SER B 565 -41.04 18.96 1.11
C SER B 565 -41.86 18.17 2.12
N TRP B 566 -41.68 16.87 2.17
CA TRP B 566 -42.47 16.05 3.08
C TRP B 566 -42.24 16.38 4.55
N ILE B 567 -41.01 16.74 4.87
CA ILE B 567 -40.64 17.01 6.25
C ILE B 567 -41.28 18.31 6.68
N TYR B 568 -41.19 19.32 5.81
CA TYR B 568 -41.89 20.59 6.01
C TYR B 568 -43.35 20.36 6.38
N GLU B 569 -44.01 19.48 5.62
CA GLU B 569 -45.43 19.18 5.78
C GLU B 569 -45.86 18.61 7.13
N GLN B 570 -44.92 18.12 7.94
CA GLN B 570 -45.28 17.56 9.25
C GLN B 570 -45.70 18.63 10.22
N LYS B 571 -46.51 18.25 11.20
CA LYS B 571 -46.92 19.17 12.26
C LYS B 571 -46.00 19.00 13.45
N GLU B 572 -45.73 17.74 13.77
CA GLU B 572 -44.79 17.37 14.81
C GLU B 572 -43.87 16.29 14.26
N TRP B 573 -42.79 16.00 14.98
CA TRP B 573 -41.84 14.96 14.60
C TRP B 573 -41.87 13.81 15.60
N THR B 574 -42.77 12.89 15.36
CA THR B 574 -43.04 11.78 16.25
C THR B 574 -42.24 10.53 15.88
N GLU B 575 -42.18 9.59 16.81
CA GLU B 575 -41.57 8.30 16.56
C GLU B 575 -42.14 7.73 15.26
N GLU B 576 -43.43 7.97 15.05
CA GLU B 576 -44.13 7.50 13.87
C GLU B 576 -43.61 8.11 12.58
N SER B 577 -43.22 9.38 12.65
CA SER B 577 -42.74 10.08 11.47
C SER B 577 -41.36 9.56 11.08
N VAL B 578 -40.55 9.28 12.10
CA VAL B 578 -39.27 8.62 11.93
C VAL B 578 -39.50 7.32 11.15
N LYS B 579 -40.29 6.41 11.71
CA LYS B 579 -40.61 5.14 11.02
C LYS B 579 -40.92 5.36 9.56
N LYS B 580 -41.76 6.35 9.26
CA LYS B 580 -42.15 6.66 7.88
C LYS B 580 -40.95 7.04 7.01
N LEU B 581 -40.06 7.89 7.50
CA LEU B 581 -38.90 8.32 6.72
C LEU B 581 -37.95 7.13 6.37
N THR B 582 -37.58 6.39 7.40
CA THR B 582 -36.82 5.15 7.22
C THR B 582 -37.29 4.37 5.97
N GLU B 583 -38.60 4.18 5.88
CA GLU B 583 -39.18 3.42 4.78
C GLU B 583 -38.97 4.11 3.44
N THR B 584 -38.95 5.43 3.49
CA THR B 584 -38.82 6.25 2.28
C THR B 584 -37.39 6.17 1.78
N TYR B 585 -36.47 6.30 2.72
CA TYR B 585 -35.08 6.11 2.44
C TYR B 585 -34.85 4.67 1.97
N VAL B 586 -35.44 3.71 2.67
CA VAL B 586 -35.28 2.30 2.25
C VAL B 586 -35.80 2.13 0.84
N ASP B 587 -36.93 2.76 0.54
CA ASP B 587 -37.54 2.67 -0.79
C ASP B 587 -36.76 3.37 -1.86
N ALA B 588 -36.29 4.57 -1.56
CA ALA B 588 -35.47 5.30 -2.51
C ALA B 588 -34.21 4.51 -2.84
N ALA B 589 -33.56 4.00 -1.81
CA ALA B 589 -32.36 3.20 -1.99
C ALA B 589 -32.59 2.06 -2.98
N VAL B 590 -33.44 1.13 -2.57
CA VAL B 590 -33.76 -0.01 -3.41
C VAL B 590 -34.00 0.37 -4.86
N LYS B 591 -34.58 1.53 -5.13
CA LYS B 591 -34.82 1.94 -6.51
C LYS B 591 -33.57 2.56 -7.13
N VAL B 592 -33.01 3.57 -6.47
CA VAL B 592 -31.83 4.26 -7.00
C VAL B 592 -30.60 3.37 -7.13
N PHE B 593 -30.47 2.34 -6.27
CA PHE B 593 -29.27 1.47 -6.24
C PHE B 593 -29.43 0.09 -6.96
N SER B 594 -30.48 -0.07 -7.77
CA SER B 594 -30.68 -1.30 -8.55
C SER B 594 -30.43 -1.08 -10.03
N PHE B 595 -30.34 -2.19 -10.78
CA PHE B 595 -29.92 -2.16 -12.19
C PHE B 595 -30.78 -3.07 -13.11
N SER B 596 -32.09 -3.15 -12.82
CA SER B 596 -33.05 -3.98 -13.56
C SER B 596 -33.88 -3.17 -14.58
#